data_2PP6
# 
_entry.id   2PP6 
# 
_audit_conform.dict_name       mmcif_pdbx.dic 
_audit_conform.dict_version    5.397 
_audit_conform.dict_location   http://mmcif.pdb.org/dictionaries/ascii/mmcif_pdbx.dic 
# 
loop_
_database_2.database_id 
_database_2.database_code 
_database_2.pdbx_database_accession 
_database_2.pdbx_DOI 
PDB   2PP6         pdb_00002pp6 10.2210/pdb2pp6/pdb 
RCSB  RCSB042628   ?            ?                   
WWPDB D_1000042628 ?            ?                   
# 
loop_
_pdbx_audit_revision_history.ordinal 
_pdbx_audit_revision_history.data_content_type 
_pdbx_audit_revision_history.major_revision 
_pdbx_audit_revision_history.minor_revision 
_pdbx_audit_revision_history.revision_date 
1 'Structure model' 1 0 2007-05-29 
2 'Structure model' 1 1 2008-05-01 
3 'Structure model' 1 2 2011-07-13 
4 'Structure model' 1 3 2017-10-18 
5 'Structure model' 1 4 2024-10-30 
# 
_pdbx_audit_revision_details.ordinal             1 
_pdbx_audit_revision_details.revision_ordinal    1 
_pdbx_audit_revision_details.data_content_type   'Structure model' 
_pdbx_audit_revision_details.provider            repository 
_pdbx_audit_revision_details.type                'Initial release' 
_pdbx_audit_revision_details.description         ? 
_pdbx_audit_revision_details.details             ? 
# 
loop_
_pdbx_audit_revision_group.ordinal 
_pdbx_audit_revision_group.revision_ordinal 
_pdbx_audit_revision_group.data_content_type 
_pdbx_audit_revision_group.group 
1 2 'Structure model' 'Version format compliance' 
2 3 'Structure model' Advisory                    
3 3 'Structure model' 'Derived calculations'      
4 3 'Structure model' 'Version format compliance' 
5 4 'Structure model' 'Refinement description'    
6 5 'Structure model' 'Data collection'           
7 5 'Structure model' 'Database references'       
8 5 'Structure model' 'Derived calculations'      
9 5 'Structure model' 'Structure summary'         
# 
loop_
_pdbx_audit_revision_category.ordinal 
_pdbx_audit_revision_category.revision_ordinal 
_pdbx_audit_revision_category.data_content_type 
_pdbx_audit_revision_category.category 
1 4 'Structure model' software                  
2 5 'Structure model' chem_comp_atom            
3 5 'Structure model' chem_comp_bond            
4 5 'Structure model' database_2                
5 5 'Structure model' pdbx_entry_details        
6 5 'Structure model' pdbx_modification_feature 
7 5 'Structure model' struct_conn               
8 5 'Structure model' struct_ref_seq_dif        
# 
loop_
_pdbx_audit_revision_item.ordinal 
_pdbx_audit_revision_item.revision_ordinal 
_pdbx_audit_revision_item.data_content_type 
_pdbx_audit_revision_item.item 
1 5 'Structure model' '_database_2.pdbx_DOI'                
2 5 'Structure model' '_database_2.pdbx_database_accession' 
3 5 'Structure model' '_struct_conn.pdbx_leaving_atom_flag' 
4 5 'Structure model' '_struct_ref_seq_dif.details'         
# 
_pdbx_database_status.status_code                     REL 
_pdbx_database_status.entry_id                        2PP6 
_pdbx_database_status.recvd_initial_deposition_date   2007-04-28 
_pdbx_database_status.deposit_site                    RCSB 
_pdbx_database_status.process_site                    RCSB 
_pdbx_database_status.status_code_sf                  REL 
_pdbx_database_status.status_code_mr                  ? 
_pdbx_database_status.SG_entry                        Y 
_pdbx_database_status.pdb_format_compatible           Y 
_pdbx_database_status.status_code_cs                  ? 
_pdbx_database_status.methods_development_category    ? 
_pdbx_database_status.status_code_nmr_data            ? 
# 
_pdbx_database_related.db_name        TargetDB 
_pdbx_database_related.db_id          APC23283 
_pdbx_database_related.details        . 
_pdbx_database_related.content_type   unspecified 
# 
loop_
_audit_author.name 
_audit_author.pdbx_ordinal 
'Kim, Y.'                                       1 
'Li, H.'                                        2 
'Holzle, D.'                                    3 
'Joachimiak, A.'                                4 
'Midwest Center for Structural Genomics (MCSG)' 5 
# 
_citation.id                        primary 
_citation.title                     
'Crystal structure of the ATP-binding sugar transporter-like protein from Salmonella typhimurium.' 
_citation.journal_abbrev            'To be Published' 
_citation.journal_volume            ? 
_citation.page_first                ? 
_citation.page_last                 ? 
_citation.year                      ? 
_citation.journal_id_ASTM           ? 
_citation.country                   ? 
_citation.journal_id_ISSN           ? 
_citation.journal_id_CSD            0353 
_citation.book_publisher            ? 
_citation.pdbx_database_id_PubMed   ? 
_citation.pdbx_database_id_DOI      ? 
# 
loop_
_citation_author.citation_id 
_citation_author.name 
_citation_author.ordinal 
_citation_author.identifier_ORCID 
primary 'Kim, Y.'        1 ? 
primary 'Li, H.'         2 ? 
primary 'Holzle, D.'     3 ? 
primary 'Joachimiak, A.' 4 ? 
# 
loop_
_entity.id 
_entity.type 
_entity.src_method 
_entity.pdbx_description 
_entity.formula_weight 
_entity.pdbx_number_of_molecules 
_entity.pdbx_ec 
_entity.pdbx_mutation 
_entity.pdbx_fragment 
_entity.details 
1 polymer man 'Gifsy-2 prophage ATP-binding sugar transporter-like protein' 11344.324 1  ? ? ? ? 
2 water   nat water                                                         18.015    28 ? ? ? ? 
# 
_entity_poly.entity_id                      1 
_entity_poly.type                           'polypeptide(L)' 
_entity_poly.nstd_linkage                   no 
_entity_poly.nstd_monomer                   yes 
_entity_poly.pdbx_seq_one_letter_code       
;SNA(MSE)ADLFDG(MSE)KRR(MSE)DALIAERFG(MSE)KVNINGTDCIVVESDFLAELGPVEGNGKNVVVFSGNVIP
RRGDRVVLRGSEFTVTRIRRFNGKPQLTLEENNGGKGA
;
_entity_poly.pdbx_seq_one_letter_code_can   
;SNAMADLFDGMKRRMDALIAERFGMKVNINGTDCIVVESDFLAELGPVEGNGKNVVVFSGNVIPRRGDRVVLRGSEFTVT
RIRRFNGKPQLTLEENNGGKGA
;
_entity_poly.pdbx_strand_id                 A 
_entity_poly.pdbx_target_identifier         APC23283 
# 
_pdbx_entity_nonpoly.entity_id   2 
_pdbx_entity_nonpoly.name        water 
_pdbx_entity_nonpoly.comp_id     HOH 
# 
loop_
_entity_poly_seq.entity_id 
_entity_poly_seq.num 
_entity_poly_seq.mon_id 
_entity_poly_seq.hetero 
1 1   SER n 
1 2   ASN n 
1 3   ALA n 
1 4   MSE n 
1 5   ALA n 
1 6   ASP n 
1 7   LEU n 
1 8   PHE n 
1 9   ASP n 
1 10  GLY n 
1 11  MSE n 
1 12  LYS n 
1 13  ARG n 
1 14  ARG n 
1 15  MSE n 
1 16  ASP n 
1 17  ALA n 
1 18  LEU n 
1 19  ILE n 
1 20  ALA n 
1 21  GLU n 
1 22  ARG n 
1 23  PHE n 
1 24  GLY n 
1 25  MSE n 
1 26  LYS n 
1 27  VAL n 
1 28  ASN n 
1 29  ILE n 
1 30  ASN n 
1 31  GLY n 
1 32  THR n 
1 33  ASP n 
1 34  CYS n 
1 35  ILE n 
1 36  VAL n 
1 37  VAL n 
1 38  GLU n 
1 39  SER n 
1 40  ASP n 
1 41  PHE n 
1 42  LEU n 
1 43  ALA n 
1 44  GLU n 
1 45  LEU n 
1 46  GLY n 
1 47  PRO n 
1 48  VAL n 
1 49  GLU n 
1 50  GLY n 
1 51  ASN n 
1 52  GLY n 
1 53  LYS n 
1 54  ASN n 
1 55  VAL n 
1 56  VAL n 
1 57  VAL n 
1 58  PHE n 
1 59  SER n 
1 60  GLY n 
1 61  ASN n 
1 62  VAL n 
1 63  ILE n 
1 64  PRO n 
1 65  ARG n 
1 66  ARG n 
1 67  GLY n 
1 68  ASP n 
1 69  ARG n 
1 70  VAL n 
1 71  VAL n 
1 72  LEU n 
1 73  ARG n 
1 74  GLY n 
1 75  SER n 
1 76  GLU n 
1 77  PHE n 
1 78  THR n 
1 79  VAL n 
1 80  THR n 
1 81  ARG n 
1 82  ILE n 
1 83  ARG n 
1 84  ARG n 
1 85  PHE n 
1 86  ASN n 
1 87  GLY n 
1 88  LYS n 
1 89  PRO n 
1 90  GLN n 
1 91  LEU n 
1 92  THR n 
1 93  LEU n 
1 94  GLU n 
1 95  GLU n 
1 96  ASN n 
1 97  ASN n 
1 98  GLY n 
1 99  GLY n 
1 100 LYS n 
1 101 GLY n 
1 102 ALA n 
# 
_entity_src_gen.entity_id                          1 
_entity_src_gen.pdbx_src_id                        1 
_entity_src_gen.pdbx_alt_source_flag               sample 
_entity_src_gen.pdbx_seq_type                      ? 
_entity_src_gen.pdbx_beg_seq_num                   ? 
_entity_src_gen.pdbx_end_seq_num                   ? 
_entity_src_gen.gene_src_common_name               ? 
_entity_src_gen.gene_src_genus                     Salmonella 
_entity_src_gen.pdbx_gene_src_gene                 STM1035 
_entity_src_gen.gene_src_species                   'Salmonella typhimurium' 
_entity_src_gen.gene_src_strain                    'LT2, SGSC1412' 
_entity_src_gen.gene_src_tissue                    ? 
_entity_src_gen.gene_src_tissue_fraction           ? 
_entity_src_gen.gene_src_details                   ? 
_entity_src_gen.pdbx_gene_src_fragment             ? 
_entity_src_gen.pdbx_gene_src_scientific_name      'Salmonella typhimurium LT2' 
_entity_src_gen.pdbx_gene_src_ncbi_taxonomy_id     99287 
_entity_src_gen.pdbx_gene_src_variant              ? 
_entity_src_gen.pdbx_gene_src_cell_line            ? 
_entity_src_gen.pdbx_gene_src_atcc                 700720 
_entity_src_gen.pdbx_gene_src_organ                ? 
_entity_src_gen.pdbx_gene_src_organelle            ? 
_entity_src_gen.pdbx_gene_src_cell                 ? 
_entity_src_gen.pdbx_gene_src_cellular_location    ? 
_entity_src_gen.host_org_common_name               ? 
_entity_src_gen.pdbx_host_org_scientific_name      'Escherichia coli BL21(DE3)' 
_entity_src_gen.pdbx_host_org_ncbi_taxonomy_id     469008 
_entity_src_gen.host_org_genus                     Escherichia 
_entity_src_gen.pdbx_host_org_gene                 ? 
_entity_src_gen.pdbx_host_org_organ                ? 
_entity_src_gen.host_org_species                   'Escherichia coli' 
_entity_src_gen.pdbx_host_org_tissue               ? 
_entity_src_gen.pdbx_host_org_tissue_fraction      ? 
_entity_src_gen.pdbx_host_org_strain               'BL21(DE3)' 
_entity_src_gen.pdbx_host_org_variant              ? 
_entity_src_gen.pdbx_host_org_cell_line            ? 
_entity_src_gen.pdbx_host_org_atcc                 ? 
_entity_src_gen.pdbx_host_org_culture_collection   ? 
_entity_src_gen.pdbx_host_org_cell                 ? 
_entity_src_gen.pdbx_host_org_organelle            ? 
_entity_src_gen.pdbx_host_org_cellular_location    ? 
_entity_src_gen.pdbx_host_org_vector_type          Plasmid 
_entity_src_gen.pdbx_host_org_vector               ? 
_entity_src_gen.host_org_details                   ? 
_entity_src_gen.expression_system_id               ? 
_entity_src_gen.plasmid_name                       pMCSG7 
_entity_src_gen.plasmid_details                    ? 
_entity_src_gen.pdbx_description                   ? 
# 
loop_
_chem_comp.id 
_chem_comp.type 
_chem_comp.mon_nstd_flag 
_chem_comp.name 
_chem_comp.pdbx_synonyms 
_chem_comp.formula 
_chem_comp.formula_weight 
ALA 'L-peptide linking' y ALANINE          ? 'C3 H7 N O2'     89.093  
ARG 'L-peptide linking' y ARGININE         ? 'C6 H15 N4 O2 1' 175.209 
ASN 'L-peptide linking' y ASPARAGINE       ? 'C4 H8 N2 O3'    132.118 
ASP 'L-peptide linking' y 'ASPARTIC ACID'  ? 'C4 H7 N O4'     133.103 
CYS 'L-peptide linking' y CYSTEINE         ? 'C3 H7 N O2 S'   121.158 
GLN 'L-peptide linking' y GLUTAMINE        ? 'C5 H10 N2 O3'   146.144 
GLU 'L-peptide linking' y 'GLUTAMIC ACID'  ? 'C5 H9 N O4'     147.129 
GLY 'peptide linking'   y GLYCINE          ? 'C2 H5 N O2'     75.067  
HOH non-polymer         . WATER            ? 'H2 O'           18.015  
ILE 'L-peptide linking' y ISOLEUCINE       ? 'C6 H13 N O2'    131.173 
LEU 'L-peptide linking' y LEUCINE          ? 'C6 H13 N O2'    131.173 
LYS 'L-peptide linking' y LYSINE           ? 'C6 H15 N2 O2 1' 147.195 
MET 'L-peptide linking' y METHIONINE       ? 'C5 H11 N O2 S'  149.211 
MSE 'L-peptide linking' n SELENOMETHIONINE ? 'C5 H11 N O2 Se' 196.106 
PHE 'L-peptide linking' y PHENYLALANINE    ? 'C9 H11 N O2'    165.189 
PRO 'L-peptide linking' y PROLINE          ? 'C5 H9 N O2'     115.130 
SER 'L-peptide linking' y SERINE           ? 'C3 H7 N O3'     105.093 
THR 'L-peptide linking' y THREONINE        ? 'C4 H9 N O3'     119.119 
VAL 'L-peptide linking' y VALINE           ? 'C5 H11 N O2'    117.146 
# 
loop_
_pdbx_poly_seq_scheme.asym_id 
_pdbx_poly_seq_scheme.entity_id 
_pdbx_poly_seq_scheme.seq_id 
_pdbx_poly_seq_scheme.mon_id 
_pdbx_poly_seq_scheme.ndb_seq_num 
_pdbx_poly_seq_scheme.pdb_seq_num 
_pdbx_poly_seq_scheme.auth_seq_num 
_pdbx_poly_seq_scheme.pdb_mon_id 
_pdbx_poly_seq_scheme.auth_mon_id 
_pdbx_poly_seq_scheme.pdb_strand_id 
_pdbx_poly_seq_scheme.pdb_ins_code 
_pdbx_poly_seq_scheme.hetero 
A 1 1   SER 1   -2 -2 SER SER A . n 
A 1 2   ASN 2   -1 -1 ASN ASN A . n 
A 1 3   ALA 3   0  0  ALA ALA A . n 
A 1 4   MSE 4   1  1  MSE MSE A . n 
A 1 5   ALA 5   2  2  ALA ALA A . n 
A 1 6   ASP 6   3  3  ASP ASP A . n 
A 1 7   LEU 7   4  4  LEU LEU A . n 
A 1 8   PHE 8   5  5  PHE PHE A . n 
A 1 9   ASP 9   6  6  ASP ASP A . n 
A 1 10  GLY 10  7  7  GLY GLY A . n 
A 1 11  MSE 11  8  8  MSE MSE A . n 
A 1 12  LYS 12  9  9  LYS LYS A . n 
A 1 13  ARG 13  10 10 ARG ARG A . n 
A 1 14  ARG 14  11 11 ARG ARG A . n 
A 1 15  MSE 15  12 12 MSE MSE A . n 
A 1 16  ASP 16  13 13 ASP ASP A . n 
A 1 17  ALA 17  14 14 ALA ALA A . n 
A 1 18  LEU 18  15 15 LEU LEU A . n 
A 1 19  ILE 19  16 16 ILE ILE A . n 
A 1 20  ALA 20  17 17 ALA ALA A . n 
A 1 21  GLU 21  18 18 GLU GLU A . n 
A 1 22  ARG 22  19 19 ARG ARG A . n 
A 1 23  PHE 23  20 20 PHE PHE A . n 
A 1 24  GLY 24  21 21 GLY GLY A . n 
A 1 25  MSE 25  22 22 MSE MSE A . n 
A 1 26  LYS 26  23 23 LYS LYS A . n 
A 1 27  VAL 27  24 24 VAL VAL A . n 
A 1 28  ASN 28  25 25 ASN ASN A . n 
A 1 29  ILE 29  26 26 ILE ILE A . n 
A 1 30  ASN 30  27 27 ASN ASN A . n 
A 1 31  GLY 31  28 28 GLY GLY A . n 
A 1 32  THR 32  29 29 THR THR A . n 
A 1 33  ASP 33  30 30 ASP ASP A . n 
A 1 34  CYS 34  31 31 CYS CYS A . n 
A 1 35  ILE 35  32 32 ILE ILE A . n 
A 1 36  VAL 36  33 33 VAL VAL A . n 
A 1 37  VAL 37  34 34 VAL VAL A . n 
A 1 38  GLU 38  35 35 GLU GLU A . n 
A 1 39  SER 39  36 36 SER SER A . n 
A 1 40  ASP 40  37 37 ASP ASP A . n 
A 1 41  PHE 41  38 38 PHE PHE A . n 
A 1 42  LEU 42  39 39 LEU LEU A . n 
A 1 43  ALA 43  40 40 ALA ALA A . n 
A 1 44  GLU 44  41 ?  ?   ?   A . n 
A 1 45  LEU 45  42 ?  ?   ?   A . n 
A 1 46  GLY 46  43 ?  ?   ?   A . n 
A 1 47  PRO 47  44 ?  ?   ?   A . n 
A 1 48  VAL 48  45 ?  ?   ?   A . n 
A 1 49  GLU 49  46 ?  ?   ?   A . n 
A 1 50  GLY 50  47 ?  ?   ?   A . n 
A 1 51  ASN 51  48 ?  ?   ?   A . n 
A 1 52  GLY 52  49 49 GLY GLY A . n 
A 1 53  LYS 53  50 50 LYS LYS A . n 
A 1 54  ASN 54  51 51 ASN ASN A . n 
A 1 55  VAL 55  52 52 VAL VAL A . n 
A 1 56  VAL 56  53 53 VAL VAL A . n 
A 1 57  VAL 57  54 54 VAL VAL A . n 
A 1 58  PHE 58  55 55 PHE PHE A . n 
A 1 59  SER 59  56 56 SER SER A . n 
A 1 60  GLY 60  57 57 GLY GLY A . n 
A 1 61  ASN 61  58 58 ASN ASN A . n 
A 1 62  VAL 62  59 59 VAL VAL A . n 
A 1 63  ILE 63  60 60 ILE ILE A . n 
A 1 64  PRO 64  61 61 PRO PRO A . n 
A 1 65  ARG 65  62 62 ARG ARG A . n 
A 1 66  ARG 66  63 63 ARG ARG A . n 
A 1 67  GLY 67  64 64 GLY GLY A . n 
A 1 68  ASP 68  65 65 ASP ASP A . n 
A 1 69  ARG 69  66 66 ARG ARG A . n 
A 1 70  VAL 70  67 67 VAL VAL A . n 
A 1 71  VAL 71  68 68 VAL VAL A . n 
A 1 72  LEU 72  69 69 LEU LEU A . n 
A 1 73  ARG 73  70 70 ARG ARG A . n 
A 1 74  GLY 74  71 71 GLY GLY A . n 
A 1 75  SER 75  72 72 SER SER A . n 
A 1 76  GLU 76  73 73 GLU GLU A . n 
A 1 77  PHE 77  74 74 PHE PHE A . n 
A 1 78  THR 78  75 75 THR THR A . n 
A 1 79  VAL 79  76 76 VAL VAL A . n 
A 1 80  THR 80  77 77 THR THR A . n 
A 1 81  ARG 81  78 78 ARG ARG A . n 
A 1 82  ILE 82  79 79 ILE ILE A . n 
A 1 83  ARG 83  80 80 ARG ARG A . n 
A 1 84  ARG 84  81 81 ARG ARG A . n 
A 1 85  PHE 85  82 82 PHE PHE A . n 
A 1 86  ASN 86  83 83 ASN ASN A . n 
A 1 87  GLY 87  84 84 GLY GLY A . n 
A 1 88  LYS 88  85 85 LYS LYS A . n 
A 1 89  PRO 89  86 86 PRO PRO A . n 
A 1 90  GLN 90  87 87 GLN GLN A . n 
A 1 91  LEU 91  88 88 LEU LEU A . n 
A 1 92  THR 92  89 89 THR THR A . n 
A 1 93  LEU 93  90 90 LEU LEU A . n 
A 1 94  GLU 94  91 91 GLU GLU A . n 
A 1 95  GLU 95  92 92 GLU GLU A . n 
A 1 96  ASN 96  93 93 ASN ASN A . n 
A 1 97  ASN 97  94 ?  ?   ?   A . n 
A 1 98  GLY 98  95 ?  ?   ?   A . n 
A 1 99  GLY 99  96 ?  ?   ?   A . n 
A 1 100 LYS 100 97 ?  ?   ?   A . n 
A 1 101 GLY 101 98 ?  ?   ?   A . n 
A 1 102 ALA 102 99 ?  ?   ?   A . n 
# 
loop_
_pdbx_nonpoly_scheme.asym_id 
_pdbx_nonpoly_scheme.entity_id 
_pdbx_nonpoly_scheme.mon_id 
_pdbx_nonpoly_scheme.ndb_seq_num 
_pdbx_nonpoly_scheme.pdb_seq_num 
_pdbx_nonpoly_scheme.auth_seq_num 
_pdbx_nonpoly_scheme.pdb_mon_id 
_pdbx_nonpoly_scheme.auth_mon_id 
_pdbx_nonpoly_scheme.pdb_strand_id 
_pdbx_nonpoly_scheme.pdb_ins_code 
B 2 HOH 1  100 1  HOH HOH A . 
B 2 HOH 2  101 2  HOH HOH A . 
B 2 HOH 3  102 3  HOH HOH A . 
B 2 HOH 4  103 4  HOH HOH A . 
B 2 HOH 5  104 5  HOH HOH A . 
B 2 HOH 6  105 6  HOH HOH A . 
B 2 HOH 7  106 7  HOH HOH A . 
B 2 HOH 8  107 8  HOH HOH A . 
B 2 HOH 9  108 9  HOH HOH A . 
B 2 HOH 10 109 10 HOH HOH A . 
B 2 HOH 11 110 11 HOH HOH A . 
B 2 HOH 12 111 12 HOH HOH A . 
B 2 HOH 13 112 13 HOH HOH A . 
B 2 HOH 14 113 14 HOH HOH A . 
B 2 HOH 15 114 15 HOH HOH A . 
B 2 HOH 16 115 16 HOH HOH A . 
B 2 HOH 17 116 17 HOH HOH A . 
B 2 HOH 18 117 18 HOH HOH A . 
B 2 HOH 19 118 19 HOH HOH A . 
B 2 HOH 20 119 20 HOH HOH A . 
B 2 HOH 21 120 21 HOH HOH A . 
B 2 HOH 22 121 22 HOH HOH A . 
B 2 HOH 23 122 23 HOH HOH A . 
B 2 HOH 24 123 24 HOH HOH A . 
B 2 HOH 25 124 25 HOH HOH A . 
B 2 HOH 26 125 26 HOH HOH A . 
B 2 HOH 27 126 27 HOH HOH A . 
B 2 HOH 28 127 28 HOH HOH A . 
# 
loop_
_software.name 
_software.classification 
_software.version 
_software.citation_id 
_software.pdbx_ordinal 
REFMAC      refinement        5.2.0000 ? 1  
SBC-Collect 'data collection' .        ? 2  
HKL-2000    'data collection' .        ? 3  
HKL-2000    'data reduction'  .        ? 4  
HKL-2000    'data scaling'    .        ? 5  
HKL-3000    phasing           .        ? 6  
SHELXCD     phasing           .        ? 7  
SHELXD      phasing           .        ? 8  
SHELXE      'model building'  .        ? 9  
MLPHARE     phasing           .        ? 10 
SOLVE       phasing           .        ? 11 
RESOLVE     phasing           .        ? 12 
PHENIX      phasing           .        ? 13 
# 
_cell.entry_id           2PP6 
_cell.length_a           51.820 
_cell.length_b           51.820 
_cell.length_c           69.329 
_cell.angle_alpha        90.00 
_cell.angle_beta         90.00 
_cell.angle_gamma        90.00 
_cell.Z_PDB              8 
_cell.pdbx_unique_axis   ? 
_cell.length_a_esd       ? 
_cell.length_b_esd       ? 
_cell.length_c_esd       ? 
_cell.angle_alpha_esd    ? 
_cell.angle_beta_esd     ? 
_cell.angle_gamma_esd    ? 
# 
_symmetry.entry_id                         2PP6 
_symmetry.space_group_name_H-M             'P 4 21 2' 
_symmetry.pdbx_full_space_group_name_H-M   ? 
_symmetry.cell_setting                     ? 
_symmetry.Int_Tables_number                90 
_symmetry.space_group_name_Hall            ? 
# 
_exptl.entry_id          2PP6 
_exptl.method            'X-RAY DIFFRACTION' 
_exptl.crystals_number   1 
# 
_exptl_crystal.id                    1 
_exptl_crystal.density_meas          ? 
_exptl_crystal.density_Matthews      2.05 
_exptl_crystal.density_percent_sol   40.02 
_exptl_crystal.description           ? 
_exptl_crystal.F_000                 ? 
_exptl_crystal.preparation           ? 
# 
_exptl_crystal_grow.crystal_id      1 
_exptl_crystal_grow.method          'VAPOR DIFFUSION, SITTING DROP' 
_exptl_crystal_grow.temp            295 
_exptl_crystal_grow.temp_details    ? 
_exptl_crystal_grow.pH              7.0 
_exptl_crystal_grow.pdbx_details    '1.4 M Ammonium citrate pH 7.0, VAPOR DIFFUSION, SITTING DROP, temperature 295K' 
_exptl_crystal_grow.pdbx_pH_range   . 
# 
_diffrn.id                     1 
_diffrn.ambient_temp           100 
_diffrn.ambient_temp_details   ? 
_diffrn.crystal_id             1 
# 
_diffrn_detector.diffrn_id              1 
_diffrn_detector.detector               CCD 
_diffrn_detector.type                   SBC-2 
_diffrn_detector.pdbx_collection_date   2004-03-25 
_diffrn_detector.details                mirrors 
# 
_diffrn_radiation.diffrn_id                        1 
_diffrn_radiation.wavelength_id                    1 
_diffrn_radiation.pdbx_monochromatic_or_laue_m_l   M 
_diffrn_radiation.monochromator                    'double crystal' 
_diffrn_radiation.pdbx_diffrn_protocol             'SINGLE WAVELENGTH' 
_diffrn_radiation.pdbx_scattering_type             x-ray 
# 
_diffrn_radiation_wavelength.id           1 
_diffrn_radiation_wavelength.wavelength   0.97983 
_diffrn_radiation_wavelength.wt           1.0 
# 
_diffrn_source.diffrn_id                   1 
_diffrn_source.source                      SYNCHROTRON 
_diffrn_source.type                        'APS BEAMLINE 19-ID' 
_diffrn_source.pdbx_synchrotron_site       APS 
_diffrn_source.pdbx_synchrotron_beamline   19-ID 
_diffrn_source.pdbx_wavelength             ? 
_diffrn_source.pdbx_wavelength_list        0.97983 
# 
_reflns.entry_id                     2PP6 
_reflns.observed_criterion_sigma_F   0.0 
_reflns.observed_criterion_sigma_I   0.0 
_reflns.d_resolution_high            2.70 
_reflns.d_resolution_low             32.4 
_reflns.number_all                   2872 
_reflns.number_obs                   2872 
_reflns.percent_possible_obs         99.9 
_reflns.pdbx_Rmerge_I_obs            0.155 
_reflns.pdbx_Rsym_value              ? 
_reflns.pdbx_netI_over_sigmaI        6.4 
_reflns.B_iso_Wilson_estimate        ? 
_reflns.pdbx_redundancy              15.5 
_reflns.R_free_details               ? 
_reflns.limit_h_max                  ? 
_reflns.limit_h_min                  ? 
_reflns.limit_k_max                  ? 
_reflns.limit_k_min                  ? 
_reflns.limit_l_max                  ? 
_reflns.limit_l_min                  ? 
_reflns.observed_criterion_F_max     ? 
_reflns.observed_criterion_F_min     ? 
_reflns.pdbx_chi_squared             ? 
_reflns.pdbx_scaling_rejects         ? 
_reflns.pdbx_ordinal                 1 
_reflns.pdbx_diffrn_id               1 
# 
_reflns_shell.d_res_high             2.7 
_reflns_shell.d_res_low              2.8 
_reflns_shell.percent_possible_all   99.6 
_reflns_shell.Rmerge_I_obs           0.949 
_reflns_shell.pdbx_Rsym_value        ? 
_reflns_shell.meanI_over_sigI_obs    2.1 
_reflns_shell.pdbx_redundancy        9.5 
_reflns_shell.percent_possible_obs   ? 
_reflns_shell.number_unique_all      263 
_reflns_shell.number_measured_all    ? 
_reflns_shell.number_measured_obs    ? 
_reflns_shell.number_unique_obs      ? 
_reflns_shell.pdbx_chi_squared       ? 
_reflns_shell.pdbx_ordinal           1 
_reflns_shell.pdbx_diffrn_id         1 
# 
_refine.entry_id                                 2PP6 
_refine.ls_number_reflns_obs                     2592 
_refine.ls_number_reflns_all                     2592 
_refine.pdbx_ls_sigma_I                          ? 
_refine.pdbx_ls_sigma_F                          0.0 
_refine.pdbx_data_cutoff_high_absF               ? 
_refine.pdbx_data_cutoff_low_absF                ? 
_refine.pdbx_data_cutoff_high_rms_absF           ? 
_refine.ls_d_res_low                             32.40 
_refine.ls_d_res_high                            2.70 
_refine.ls_percent_reflns_obs                    99.86 
_refine.ls_R_factor_obs                          0.216 
_refine.ls_R_factor_all                          0.216 
_refine.ls_R_factor_R_work                       0.210 
_refine.ls_R_factor_R_free                       0.279 
_refine.ls_R_factor_R_free_error                 ? 
_refine.ls_R_factor_R_free_error_details         ? 
_refine.ls_percent_reflns_R_free                 9.4 
_refine.ls_number_reflns_R_free                  269 
_refine.ls_number_parameters                     ? 
_refine.ls_number_restraints                     ? 
_refine.occupancy_min                            ? 
_refine.occupancy_max                            ? 
_refine.correlation_coeff_Fo_to_Fc               0.929 
_refine.correlation_coeff_Fo_to_Fc_free          0.891 
_refine.B_iso_mean                               39.850 
_refine.aniso_B[1][1]                            0.88 
_refine.aniso_B[2][2]                            0.88 
_refine.aniso_B[3][3]                            -1.76 
_refine.aniso_B[1][2]                            0.00 
_refine.aniso_B[1][3]                            0.00 
_refine.aniso_B[2][3]                            0.00 
_refine.solvent_model_details                    MASK 
_refine.solvent_model_param_ksol                 ? 
_refine.solvent_model_param_bsol                 ? 
_refine.pdbx_solvent_vdw_probe_radii             1.40 
_refine.pdbx_solvent_ion_probe_radii             0.80 
_refine.pdbx_solvent_shrinkage_radii             0.80 
_refine.pdbx_ls_cross_valid_method               THROUGHOUT 
_refine.details                                  'CNS 1.1 has also been used in refinement' 
_refine.pdbx_starting_model                      ? 
_refine.pdbx_method_to_determine_struct          SAD 
_refine.pdbx_isotropic_thermal_model             ? 
_refine.pdbx_stereochemistry_target_values       'MAXIMUM LIKELIHOOD' 
_refine.pdbx_stereochem_target_val_spec_case     ? 
_refine.pdbx_R_Free_selection_details            RANDOM 
_refine.pdbx_overall_ESU_R                       ? 
_refine.pdbx_overall_ESU_R_Free                  0.410 
_refine.overall_SU_ML                            0.274 
_refine.overall_SU_B                             27.603 
_refine.ls_redundancy_reflns_obs                 ? 
_refine.B_iso_min                                ? 
_refine.B_iso_max                                ? 
_refine.overall_SU_R_Cruickshank_DPI             ? 
_refine.overall_SU_R_free                        ? 
_refine.ls_wR_factor_R_free                      ? 
_refine.ls_wR_factor_R_work                      ? 
_refine.overall_FOM_free_R_set                   ? 
_refine.overall_FOM_work_R_set                   ? 
_refine.pdbx_refine_id                           'X-RAY DIFFRACTION' 
_refine.pdbx_TLS_residual_ADP_flag               'LIKELY RESIDUAL' 
_refine.pdbx_diffrn_id                           1 
_refine.pdbx_overall_phase_error                 ? 
_refine.pdbx_overall_SU_R_free_Cruickshank_DPI   ? 
_refine.pdbx_overall_SU_R_Blow_DPI               ? 
_refine.pdbx_overall_SU_R_free_Blow_DPI          ? 
# 
_refine_hist.pdbx_refine_id                   'X-RAY DIFFRACTION' 
_refine_hist.cycle_id                         LAST 
_refine_hist.pdbx_number_atoms_protein        689 
_refine_hist.pdbx_number_atoms_nucleic_acid   0 
_refine_hist.pdbx_number_atoms_ligand         0 
_refine_hist.number_atoms_solvent             28 
_refine_hist.number_atoms_total               717 
_refine_hist.d_res_high                       2.70 
_refine_hist.d_res_low                        32.40 
# 
loop_
_refine_ls_restr.type 
_refine_ls_restr.dev_ideal 
_refine_ls_restr.dev_ideal_target 
_refine_ls_restr.weight 
_refine_ls_restr.number 
_refine_ls_restr.pdbx_refine_id 
_refine_ls_restr.pdbx_restraint_function 
r_bond_refined_d             0.009  0.022  ? 695 'X-RAY DIFFRACTION' ? 
r_bond_other_d               ?      ?      ? ?   'X-RAY DIFFRACTION' ? 
r_angle_refined_deg          1.443  1.959  ? 929 'X-RAY DIFFRACTION' ? 
r_angle_other_deg            ?      ?      ? ?   'X-RAY DIFFRACTION' ? 
r_dihedral_angle_1_deg       1.633  5.000  ? 86  'X-RAY DIFFRACTION' ? 
r_dihedral_angle_2_deg       38.222 22.571 ? 35  'X-RAY DIFFRACTION' ? 
r_dihedral_angle_3_deg       22.004 15.000 ? 130 'X-RAY DIFFRACTION' ? 
r_dihedral_angle_4_deg       17.299 15.000 ? 10  'X-RAY DIFFRACTION' ? 
r_chiral_restr               0.087  0.200  ? 105 'X-RAY DIFFRACTION' ? 
r_gen_planes_refined         0.004  0.020  ? 520 'X-RAY DIFFRACTION' ? 
r_gen_planes_other           ?      ?      ? ?   'X-RAY DIFFRACTION' ? 
r_nbd_refined                0.277  0.200  ? 307 'X-RAY DIFFRACTION' ? 
r_nbd_other                  ?      ?      ? ?   'X-RAY DIFFRACTION' ? 
r_nbtor_refined              ?      ?      ? ?   'X-RAY DIFFRACTION' ? 
r_nbtor_other                ?      ?      ? ?   'X-RAY DIFFRACTION' ? 
r_xyhbond_nbd_refined        0.180  0.200  ? 34  'X-RAY DIFFRACTION' ? 
r_xyhbond_nbd_other          ?      ?      ? ?   'X-RAY DIFFRACTION' ? 
r_metal_ion_refined          ?      ?      ? ?   'X-RAY DIFFRACTION' ? 
r_metal_ion_other            ?      ?      ? ?   'X-RAY DIFFRACTION' ? 
r_symmetry_vdw_refined       0.357  0.200  ? 53  'X-RAY DIFFRACTION' ? 
r_symmetry_vdw_other         ?      ?      ? ?   'X-RAY DIFFRACTION' ? 
r_symmetry_hbond_refined     0.208  0.200  ? 5   'X-RAY DIFFRACTION' ? 
r_symmetry_hbond_other       ?      ?      ? ?   'X-RAY DIFFRACTION' ? 
r_symmetry_metal_ion_refined ?      ?      ? ?   'X-RAY DIFFRACTION' ? 
r_symmetry_metal_ion_other   ?      ?      ? ?   'X-RAY DIFFRACTION' ? 
r_mcbond_it                  7.686  1.500  ? 432 'X-RAY DIFFRACTION' ? 
r_mcbond_other               ?      ?      ? ?   'X-RAY DIFFRACTION' ? 
r_mcangle_it                 12.159 2.000  ? 694 'X-RAY DIFFRACTION' ? 
r_scbond_it                  5.870  3.000  ? 263 'X-RAY DIFFRACTION' ? 
r_scangle_it                 9.454  4.500  ? 235 'X-RAY DIFFRACTION' ? 
r_rigid_bond_restr           ?      ?      ? ?   'X-RAY DIFFRACTION' ? 
r_sphericity_free            ?      ?      ? ?   'X-RAY DIFFRACTION' ? 
r_sphericity_bonded          ?      ?      ? ?   'X-RAY DIFFRACTION' ? 
# 
_refine_ls_shell.pdbx_total_number_of_bins_used   20 
_refine_ls_shell.d_res_high                       2.70 
_refine_ls_shell.d_res_low                        2.77 
_refine_ls_shell.number_reflns_R_work             177 
_refine_ls_shell.R_factor_R_work                  0.362 
_refine_ls_shell.percent_reflns_obs               ? 
_refine_ls_shell.R_factor_R_free                  0.597 
_refine_ls_shell.R_factor_R_free_error            ? 
_refine_ls_shell.percent_reflns_R_free            ? 
_refine_ls_shell.number_reflns_R_free             13 
_refine_ls_shell.number_reflns_all                ? 
_refine_ls_shell.R_factor_all                     ? 
_refine_ls_shell.number_reflns_obs                190 
_refine_ls_shell.redundancy_reflns_obs            ? 
_refine_ls_shell.pdbx_refine_id                   'X-RAY DIFFRACTION' 
# 
_struct.entry_id                  2PP6 
_struct.title                     'Crystal structure of the ATP-binding sugar transporter-like protein from Salmonella typhimurium' 
_struct.pdbx_model_details        ? 
_struct.pdbx_CASP_flag            ? 
_struct.pdbx_model_type_details   ? 
# 
_struct_keywords.entry_id        2PP6 
_struct_keywords.pdbx_keywords   'TRANSPORT PROTEIN' 
_struct_keywords.text            
;beta barrel, 4 helix bundle, Structural Genomics, PSI-2, Protein Structure Initiative, Midwest Center for Structural Genomics, MCSG, TRANSPORT PROTEIN
;
# 
loop_
_struct_asym.id 
_struct_asym.pdbx_blank_PDB_chainid_flag 
_struct_asym.pdbx_modified 
_struct_asym.entity_id 
_struct_asym.details 
A N N 1 ? 
B N N 2 ? 
# 
_struct_ref.id                         1 
_struct_ref.db_name                    UNP 
_struct_ref.db_code                    Q8ZQ92_SALTY 
_struct_ref.pdbx_db_accession          Q8ZQ92 
_struct_ref.entity_id                  1 
_struct_ref.pdbx_seq_one_letter_code   
;MADLFDGMKRRMDALIAERFGMKVNINGTDCIVVESDFLAELGPVEGNGKNVVVFSGNVIPRRGDRVVLRGSEFTVTRIR
RFNGKPQLTLEENNGGKGA
;
_struct_ref.pdbx_align_begin           1 
_struct_ref.pdbx_db_isoform            ? 
# 
_struct_ref_seq.align_id                      1 
_struct_ref_seq.ref_id                        1 
_struct_ref_seq.pdbx_PDB_id_code              2PP6 
_struct_ref_seq.pdbx_strand_id                A 
_struct_ref_seq.seq_align_beg                 4 
_struct_ref_seq.pdbx_seq_align_beg_ins_code   ? 
_struct_ref_seq.seq_align_end                 102 
_struct_ref_seq.pdbx_seq_align_end_ins_code   ? 
_struct_ref_seq.pdbx_db_accession             Q8ZQ92 
_struct_ref_seq.db_align_beg                  1 
_struct_ref_seq.pdbx_db_align_beg_ins_code    ? 
_struct_ref_seq.db_align_end                  99 
_struct_ref_seq.pdbx_db_align_end_ins_code    ? 
_struct_ref_seq.pdbx_auth_seq_align_beg       1 
_struct_ref_seq.pdbx_auth_seq_align_end       99 
# 
loop_
_struct_ref_seq_dif.align_id 
_struct_ref_seq_dif.pdbx_pdb_id_code 
_struct_ref_seq_dif.mon_id 
_struct_ref_seq_dif.pdbx_pdb_strand_id 
_struct_ref_seq_dif.seq_num 
_struct_ref_seq_dif.pdbx_pdb_ins_code 
_struct_ref_seq_dif.pdbx_seq_db_name 
_struct_ref_seq_dif.pdbx_seq_db_accession_code 
_struct_ref_seq_dif.db_mon_id 
_struct_ref_seq_dif.pdbx_seq_db_seq_num 
_struct_ref_seq_dif.details 
_struct_ref_seq_dif.pdbx_auth_seq_num 
_struct_ref_seq_dif.pdbx_ordinal 
1 2PP6 SER A 1  ? UNP Q8ZQ92 ?   ?  'cloning artifact' -2 1 
1 2PP6 ASN A 2  ? UNP Q8ZQ92 ?   ?  'cloning artifact' -1 2 
1 2PP6 ALA A 3  ? UNP Q8ZQ92 ?   ?  'cloning artifact' 0  3 
1 2PP6 MSE A 4  ? UNP Q8ZQ92 MET 1  'modified residue' 1  4 
1 2PP6 MSE A 11 ? UNP Q8ZQ92 MET 8  'modified residue' 8  5 
1 2PP6 MSE A 15 ? UNP Q8ZQ92 MET 12 'modified residue' 12 6 
1 2PP6 MSE A 25 ? UNP Q8ZQ92 MET 22 'modified residue' 22 7 
# 
loop_
_pdbx_struct_assembly.id 
_pdbx_struct_assembly.details 
_pdbx_struct_assembly.method_details 
_pdbx_struct_assembly.oligomeric_details 
_pdbx_struct_assembly.oligomeric_count 
1 author_and_software_defined_assembly PISA tetrameric 4 
2 software_defined_assembly            PQS  dimeric    2 
# 
loop_
_pdbx_struct_assembly_prop.biol_id 
_pdbx_struct_assembly_prop.type 
_pdbx_struct_assembly_prop.value 
_pdbx_struct_assembly_prop.details 
1 'ABSA (A^2)' 6000  ? 
1 MORE         -43   ? 
1 'SSA (A^2)'  18040 ? 
# 
loop_
_pdbx_struct_assembly_gen.assembly_id 
_pdbx_struct_assembly_gen.oper_expression 
_pdbx_struct_assembly_gen.asym_id_list 
1 1,2,3,4 A,B 
2 1,2     A,B 
# 
loop_
_pdbx_struct_oper_list.id 
_pdbx_struct_oper_list.type 
_pdbx_struct_oper_list.name 
_pdbx_struct_oper_list.symmetry_operation 
_pdbx_struct_oper_list.matrix[1][1] 
_pdbx_struct_oper_list.matrix[1][2] 
_pdbx_struct_oper_list.matrix[1][3] 
_pdbx_struct_oper_list.vector[1] 
_pdbx_struct_oper_list.matrix[2][1] 
_pdbx_struct_oper_list.matrix[2][2] 
_pdbx_struct_oper_list.matrix[2][3] 
_pdbx_struct_oper_list.vector[2] 
_pdbx_struct_oper_list.matrix[3][1] 
_pdbx_struct_oper_list.matrix[3][2] 
_pdbx_struct_oper_list.matrix[3][3] 
_pdbx_struct_oper_list.vector[3] 
1 'identity operation'         1_555 x,y,z        1.0000000000  0.0000000000  0.0000000000  0.0000000000  0.0000000000  1.0000000000  0.0000000000  0.0000000000   0.0000000000  0.0000000000  1.0000000000  0.0000000000   
2 'crystal symmetry operation' 2_665 -x+1,-y+1,z  -0.3908627346 -0.3344428475 0.8575396810  19.2116436167 -0.3344428475 -0.8163763332 -0.4708265756 4.8611595651   0.8575396810  -0.4708265756 0.2072390678  -11.7507658630 
3 'crystal symmetry operation' 7_555 y,x,-z       -0.9415123813 0.3259330413  0.0855692022  38.1028774213 0.3259330413  0.8163219816  0.4768501599  -10.7222297886 0.0855692022  0.4768501599  -0.8748096002 14.7971743105  
4 'crystal symmetry operation' 8_665 -y+1,-x+1,-z 0.3323751160  0.0085098062  -0.9431088832 20.5937859514 0.0085098062  -0.9999456483 -0.0060235843 -6.0956035288  -0.9431088832 -0.0060235843 -0.3324294676 29.0388268301 
# 
_struct_biol.id        1 
_struct_biol.details   
;tetramer (based on the PISA site) 
x,y,z 
-x+1,-y,+1,z 
y,x,-z 
-y+1,-x+1,-z
;
# 
loop_
_struct_conf.conf_type_id 
_struct_conf.id 
_struct_conf.pdbx_PDB_helix_id 
_struct_conf.beg_label_comp_id 
_struct_conf.beg_label_asym_id 
_struct_conf.beg_label_seq_id 
_struct_conf.pdbx_beg_PDB_ins_code 
_struct_conf.end_label_comp_id 
_struct_conf.end_label_asym_id 
_struct_conf.end_label_seq_id 
_struct_conf.pdbx_end_PDB_ins_code 
_struct_conf.beg_auth_comp_id 
_struct_conf.beg_auth_asym_id 
_struct_conf.beg_auth_seq_id 
_struct_conf.end_auth_comp_id 
_struct_conf.end_auth_asym_id 
_struct_conf.end_auth_seq_id 
_struct_conf.pdbx_PDB_helix_class 
_struct_conf.details 
_struct_conf.pdbx_PDB_helix_length 
HELX_P HELX_P1 1 SER A 1  ? GLY A 24 ? SER A -2 GLY A 21 1 ? 24 
HELX_P HELX_P2 2 ASP A 40 ? LEU A 42 ? ASP A 37 LEU A 39 5 ? 3  
# 
_struct_conf_type.id          HELX_P 
_struct_conf_type.criteria    ? 
_struct_conf_type.reference   ? 
# 
loop_
_struct_conn.id 
_struct_conn.conn_type_id 
_struct_conn.pdbx_leaving_atom_flag 
_struct_conn.pdbx_PDB_id 
_struct_conn.ptnr1_label_asym_id 
_struct_conn.ptnr1_label_comp_id 
_struct_conn.ptnr1_label_seq_id 
_struct_conn.ptnr1_label_atom_id 
_struct_conn.pdbx_ptnr1_label_alt_id 
_struct_conn.pdbx_ptnr1_PDB_ins_code 
_struct_conn.pdbx_ptnr1_standard_comp_id 
_struct_conn.ptnr1_symmetry 
_struct_conn.ptnr2_label_asym_id 
_struct_conn.ptnr2_label_comp_id 
_struct_conn.ptnr2_label_seq_id 
_struct_conn.ptnr2_label_atom_id 
_struct_conn.pdbx_ptnr2_label_alt_id 
_struct_conn.pdbx_ptnr2_PDB_ins_code 
_struct_conn.ptnr1_auth_asym_id 
_struct_conn.ptnr1_auth_comp_id 
_struct_conn.ptnr1_auth_seq_id 
_struct_conn.ptnr2_auth_asym_id 
_struct_conn.ptnr2_auth_comp_id 
_struct_conn.ptnr2_auth_seq_id 
_struct_conn.ptnr2_symmetry 
_struct_conn.pdbx_ptnr3_label_atom_id 
_struct_conn.pdbx_ptnr3_label_seq_id 
_struct_conn.pdbx_ptnr3_label_comp_id 
_struct_conn.pdbx_ptnr3_label_asym_id 
_struct_conn.pdbx_ptnr3_label_alt_id 
_struct_conn.pdbx_ptnr3_PDB_ins_code 
_struct_conn.details 
_struct_conn.pdbx_dist_value 
_struct_conn.pdbx_value_order 
_struct_conn.pdbx_role 
covale1 covale both ? A ALA 3  C ? ? ? 1_555 A MSE 4  N ? ? A ALA 0  A MSE 1  1_555 ? ? ? ? ? ? ? 1.327 ? ? 
covale2 covale both ? A MSE 4  C ? ? ? 1_555 A ALA 5  N ? ? A MSE 1  A ALA 2  1_555 ? ? ? ? ? ? ? 1.330 ? ? 
covale3 covale both ? A GLY 10 C ? ? ? 1_555 A MSE 11 N ? ? A GLY 7  A MSE 8  1_555 ? ? ? ? ? ? ? 1.322 ? ? 
covale4 covale both ? A MSE 11 C ? ? ? 1_555 A LYS 12 N ? ? A MSE 8  A LYS 9  1_555 ? ? ? ? ? ? ? 1.328 ? ? 
covale5 covale both ? A ARG 14 C ? ? ? 1_555 A MSE 15 N ? ? A ARG 11 A MSE 12 1_555 ? ? ? ? ? ? ? 1.330 ? ? 
covale6 covale both ? A MSE 15 C ? ? ? 1_555 A ASP 16 N ? ? A MSE 12 A ASP 13 1_555 ? ? ? ? ? ? ? 1.325 ? ? 
covale7 covale both ? A GLY 24 C ? ? ? 1_555 A MSE 25 N ? ? A GLY 21 A MSE 22 1_555 ? ? ? ? ? ? ? 1.332 ? ? 
covale8 covale both ? A MSE 25 C ? ? ? 1_555 A LYS 26 N ? ? A MSE 22 A LYS 23 1_555 ? ? ? ? ? ? ? 1.330 ? ? 
# 
_struct_conn_type.id          covale 
_struct_conn_type.criteria    ? 
_struct_conn_type.reference   ? 
# 
loop_
_pdbx_modification_feature.ordinal 
_pdbx_modification_feature.label_comp_id 
_pdbx_modification_feature.label_asym_id 
_pdbx_modification_feature.label_seq_id 
_pdbx_modification_feature.label_alt_id 
_pdbx_modification_feature.modified_residue_label_comp_id 
_pdbx_modification_feature.modified_residue_label_asym_id 
_pdbx_modification_feature.modified_residue_label_seq_id 
_pdbx_modification_feature.modified_residue_label_alt_id 
_pdbx_modification_feature.auth_comp_id 
_pdbx_modification_feature.auth_asym_id 
_pdbx_modification_feature.auth_seq_id 
_pdbx_modification_feature.PDB_ins_code 
_pdbx_modification_feature.symmetry 
_pdbx_modification_feature.modified_residue_auth_comp_id 
_pdbx_modification_feature.modified_residue_auth_asym_id 
_pdbx_modification_feature.modified_residue_auth_seq_id 
_pdbx_modification_feature.modified_residue_PDB_ins_code 
_pdbx_modification_feature.modified_residue_symmetry 
_pdbx_modification_feature.comp_id_linking_atom 
_pdbx_modification_feature.modified_residue_id_linking_atom 
_pdbx_modification_feature.modified_residue_id 
_pdbx_modification_feature.ref_pcm_id 
_pdbx_modification_feature.ref_comp_id 
_pdbx_modification_feature.type 
_pdbx_modification_feature.category 
1 MSE A 4  ? . . . . MSE A 1  ? 1_555 . . . . . . . MET 1 MSE Selenomethionine 'Named protein modification' 
2 MSE A 11 ? . . . . MSE A 8  ? 1_555 . . . . . . . MET 1 MSE Selenomethionine 'Named protein modification' 
3 MSE A 15 ? . . . . MSE A 12 ? 1_555 . . . . . . . MET 1 MSE Selenomethionine 'Named protein modification' 
4 MSE A 25 ? . . . . MSE A 22 ? 1_555 . . . . . . . MET 1 MSE Selenomethionine 'Named protein modification' 
# 
_struct_sheet.id               A 
_struct_sheet.type             ? 
_struct_sheet.number_strands   7 
_struct_sheet.details          ? 
# 
loop_
_struct_sheet_order.sheet_id 
_struct_sheet_order.range_id_1 
_struct_sheet_order.range_id_2 
_struct_sheet_order.offset 
_struct_sheet_order.sense 
A 1 2 ? anti-parallel 
A 2 3 ? anti-parallel 
A 3 4 ? anti-parallel 
A 4 5 ? anti-parallel 
A 5 6 ? anti-parallel 
A 6 7 ? anti-parallel 
# 
loop_
_struct_sheet_range.sheet_id 
_struct_sheet_range.id 
_struct_sheet_range.beg_label_comp_id 
_struct_sheet_range.beg_label_asym_id 
_struct_sheet_range.beg_label_seq_id 
_struct_sheet_range.pdbx_beg_PDB_ins_code 
_struct_sheet_range.end_label_comp_id 
_struct_sheet_range.end_label_asym_id 
_struct_sheet_range.end_label_seq_id 
_struct_sheet_range.pdbx_end_PDB_ins_code 
_struct_sheet_range.beg_auth_comp_id 
_struct_sheet_range.beg_auth_asym_id 
_struct_sheet_range.beg_auth_seq_id 
_struct_sheet_range.end_auth_comp_id 
_struct_sheet_range.end_auth_asym_id 
_struct_sheet_range.end_auth_seq_id 
A 1 MSE A 25 ? ILE A 29 ? MSE A 22 ILE A 26 
A 2 THR A 32 ? GLU A 38 ? THR A 29 GLU A 35 
A 3 LYS A 53 ? VAL A 57 ? LYS A 50 VAL A 54 
A 4 LYS A 88 ? GLU A 95 ? LYS A 85 GLU A 92 
A 5 SER A 75 ? PHE A 85 ? SER A 72 PHE A 82 
A 6 ARG A 69 ? LEU A 72 ? ARG A 66 LEU A 69 
A 7 MSE A 25 ? ILE A 29 ? MSE A 22 ILE A 26 
# 
loop_
_pdbx_struct_sheet_hbond.sheet_id 
_pdbx_struct_sheet_hbond.range_id_1 
_pdbx_struct_sheet_hbond.range_id_2 
_pdbx_struct_sheet_hbond.range_1_label_atom_id 
_pdbx_struct_sheet_hbond.range_1_label_comp_id 
_pdbx_struct_sheet_hbond.range_1_label_asym_id 
_pdbx_struct_sheet_hbond.range_1_label_seq_id 
_pdbx_struct_sheet_hbond.range_1_PDB_ins_code 
_pdbx_struct_sheet_hbond.range_1_auth_atom_id 
_pdbx_struct_sheet_hbond.range_1_auth_comp_id 
_pdbx_struct_sheet_hbond.range_1_auth_asym_id 
_pdbx_struct_sheet_hbond.range_1_auth_seq_id 
_pdbx_struct_sheet_hbond.range_2_label_atom_id 
_pdbx_struct_sheet_hbond.range_2_label_comp_id 
_pdbx_struct_sheet_hbond.range_2_label_asym_id 
_pdbx_struct_sheet_hbond.range_2_label_seq_id 
_pdbx_struct_sheet_hbond.range_2_PDB_ins_code 
_pdbx_struct_sheet_hbond.range_2_auth_atom_id 
_pdbx_struct_sheet_hbond.range_2_auth_comp_id 
_pdbx_struct_sheet_hbond.range_2_auth_asym_id 
_pdbx_struct_sheet_hbond.range_2_auth_seq_id 
A 1 2 N ILE A 29 ? N ILE A 26 O THR A 32 ? O THR A 29 
A 2 3 N VAL A 37 ? N VAL A 34 O VAL A 56 ? O VAL A 53 
A 3 4 N LYS A 53 ? N LYS A 50 O LEU A 93 ? O LEU A 90 
A 4 5 O GLN A 90 ? O GLN A 87 N ARG A 83 ? N ARG A 80 
A 5 6 O SER A 75 ? O SER A 72 N LEU A 72 ? N LEU A 69 
A 6 7 O VAL A 71 ? O VAL A 68 N ASN A 28 ? N ASN A 25 
# 
_pdbx_entry_details.entry_id                   2PP6 
_pdbx_entry_details.compound_details           ? 
_pdbx_entry_details.source_details             ? 
_pdbx_entry_details.nonpolymer_details         ? 
_pdbx_entry_details.sequence_details           ? 
_pdbx_entry_details.has_ligand_of_interest     ? 
_pdbx_entry_details.has_protein_modification   Y 
# 
_pdbx_validate_torsion.id              1 
_pdbx_validate_torsion.PDB_model_num   1 
_pdbx_validate_torsion.auth_comp_id    ARG 
_pdbx_validate_torsion.auth_asym_id    A 
_pdbx_validate_torsion.auth_seq_id     80 
_pdbx_validate_torsion.PDB_ins_code    ? 
_pdbx_validate_torsion.label_alt_id    ? 
_pdbx_validate_torsion.phi             -108.46 
_pdbx_validate_torsion.psi             -168.28 
# 
_pdbx_SG_project.id                    1 
_pdbx_SG_project.project_name          'PSI, Protein Structure Initiative' 
_pdbx_SG_project.full_name_of_center   'Midwest Center for Structural Genomics' 
_pdbx_SG_project.initial_of_center     MCSG 
# 
loop_
_pdbx_struct_mod_residue.id 
_pdbx_struct_mod_residue.label_asym_id 
_pdbx_struct_mod_residue.label_comp_id 
_pdbx_struct_mod_residue.label_seq_id 
_pdbx_struct_mod_residue.auth_asym_id 
_pdbx_struct_mod_residue.auth_comp_id 
_pdbx_struct_mod_residue.auth_seq_id 
_pdbx_struct_mod_residue.PDB_ins_code 
_pdbx_struct_mod_residue.parent_comp_id 
_pdbx_struct_mod_residue.details 
1 A MSE 4  A MSE 1  ? MET SELENOMETHIONINE 
2 A MSE 11 A MSE 8  ? MET SELENOMETHIONINE 
3 A MSE 15 A MSE 12 ? MET SELENOMETHIONINE 
4 A MSE 25 A MSE 22 ? MET SELENOMETHIONINE 
# 
loop_
_pdbx_refine_tls.id 
_pdbx_refine_tls.details 
_pdbx_refine_tls.method 
_pdbx_refine_tls.origin_x 
_pdbx_refine_tls.origin_y 
_pdbx_refine_tls.origin_z 
_pdbx_refine_tls.T[1][1] 
_pdbx_refine_tls.T[2][2] 
_pdbx_refine_tls.T[3][3] 
_pdbx_refine_tls.T[1][2] 
_pdbx_refine_tls.T[1][3] 
_pdbx_refine_tls.T[2][3] 
_pdbx_refine_tls.L[1][1] 
_pdbx_refine_tls.L[2][2] 
_pdbx_refine_tls.L[3][3] 
_pdbx_refine_tls.L[1][2] 
_pdbx_refine_tls.L[1][3] 
_pdbx_refine_tls.L[2][3] 
_pdbx_refine_tls.S[1][1] 
_pdbx_refine_tls.S[1][2] 
_pdbx_refine_tls.S[1][3] 
_pdbx_refine_tls.S[2][1] 
_pdbx_refine_tls.S[2][2] 
_pdbx_refine_tls.S[2][3] 
_pdbx_refine_tls.S[3][1] 
_pdbx_refine_tls.S[3][2] 
_pdbx_refine_tls.S[3][3] 
_pdbx_refine_tls.pdbx_refine_id 
1 ? refined 6.0198  -3.7485 3.2464  0.0625 0.0863 0.0266 0.0414 -0.0153 0.0223 2.6009 0.3795 0.1566 0.0547 0.4176  -0.1753 0.1085 0.0164 0.0040 -0.0158 -0.0247 0.0568 -0.0354 -0.0193 -0.0838 'X-RAY DIFFRACTION' 
2 ? refined -5.4212 3.9210  -2.5911 0.0334 0.0052 0.0996 0.0046 -0.0331 0.0429 2.6994 2.3115 2.7155 0.8999 -1.4169 -0.1866 0.0429 0.0649 0.3462 -0.1177 0.0442  0.3068 -0.0085 0.2326  -0.0871 'X-RAY DIFFRACTION' 
# 
loop_
_pdbx_refine_tls_group.id 
_pdbx_refine_tls_group.refine_tls_id 
_pdbx_refine_tls_group.beg_auth_asym_id 
_pdbx_refine_tls_group.beg_auth_seq_id 
_pdbx_refine_tls_group.beg_label_asym_id 
_pdbx_refine_tls_group.beg_label_seq_id 
_pdbx_refine_tls_group.end_auth_asym_id 
_pdbx_refine_tls_group.end_auth_seq_id 
_pdbx_refine_tls_group.end_label_asym_id 
_pdbx_refine_tls_group.end_label_seq_id 
_pdbx_refine_tls_group.selection 
_pdbx_refine_tls_group.pdbx_refine_id 
_pdbx_refine_tls_group.selection_details 
1 1 A -2 A 1  A 40 A 43 ? 'X-RAY DIFFRACTION' ? 
2 2 A 49 A 52 A 93 A 96 ? 'X-RAY DIFFRACTION' ? 
# 
_pdbx_database_remark.id     300 
_pdbx_database_remark.text   
;
BIOMOLECULE: 1
THIS ENTRY CONTAINS THE CRYSTALLOGRAPHIC ASYMMETRIC UNIT
WHICH CONSISTS OF 1 CHAIN(S). AUTHORS STATE THAT THE
ASSEMBLY SHOWN IN REMARK 350 IS PREDICTED BY THE ANALYSIS
OF PROTEIN INTERFACES BASED ON THIS CRYSTAL STRUCTURE.
;
# 
loop_
_pdbx_unobs_or_zero_occ_residues.id 
_pdbx_unobs_or_zero_occ_residues.PDB_model_num 
_pdbx_unobs_or_zero_occ_residues.polymer_flag 
_pdbx_unobs_or_zero_occ_residues.occupancy_flag 
_pdbx_unobs_or_zero_occ_residues.auth_asym_id 
_pdbx_unobs_or_zero_occ_residues.auth_comp_id 
_pdbx_unobs_or_zero_occ_residues.auth_seq_id 
_pdbx_unobs_or_zero_occ_residues.PDB_ins_code 
_pdbx_unobs_or_zero_occ_residues.label_asym_id 
_pdbx_unobs_or_zero_occ_residues.label_comp_id 
_pdbx_unobs_or_zero_occ_residues.label_seq_id 
1  1 Y 1 A GLU 41 ? A GLU 44  
2  1 Y 1 A LEU 42 ? A LEU 45  
3  1 Y 1 A GLY 43 ? A GLY 46  
4  1 Y 1 A PRO 44 ? A PRO 47  
5  1 Y 1 A VAL 45 ? A VAL 48  
6  1 Y 1 A GLU 46 ? A GLU 49  
7  1 Y 1 A GLY 47 ? A GLY 50  
8  1 Y 1 A ASN 48 ? A ASN 51  
9  1 Y 1 A ASN 94 ? A ASN 97  
10 1 Y 1 A GLY 95 ? A GLY 98  
11 1 Y 1 A GLY 96 ? A GLY 99  
12 1 Y 1 A LYS 97 ? A LYS 100 
13 1 Y 1 A GLY 98 ? A GLY 101 
14 1 Y 1 A ALA 99 ? A ALA 102 
# 
loop_
_chem_comp_atom.comp_id 
_chem_comp_atom.atom_id 
_chem_comp_atom.type_symbol 
_chem_comp_atom.pdbx_aromatic_flag 
_chem_comp_atom.pdbx_stereo_config 
_chem_comp_atom.pdbx_ordinal 
ALA N    N  N N 1   
ALA CA   C  N S 2   
ALA C    C  N N 3   
ALA O    O  N N 4   
ALA CB   C  N N 5   
ALA OXT  O  N N 6   
ALA H    H  N N 7   
ALA H2   H  N N 8   
ALA HA   H  N N 9   
ALA HB1  H  N N 10  
ALA HB2  H  N N 11  
ALA HB3  H  N N 12  
ALA HXT  H  N N 13  
ARG N    N  N N 14  
ARG CA   C  N S 15  
ARG C    C  N N 16  
ARG O    O  N N 17  
ARG CB   C  N N 18  
ARG CG   C  N N 19  
ARG CD   C  N N 20  
ARG NE   N  N N 21  
ARG CZ   C  N N 22  
ARG NH1  N  N N 23  
ARG NH2  N  N N 24  
ARG OXT  O  N N 25  
ARG H    H  N N 26  
ARG H2   H  N N 27  
ARG HA   H  N N 28  
ARG HB2  H  N N 29  
ARG HB3  H  N N 30  
ARG HG2  H  N N 31  
ARG HG3  H  N N 32  
ARG HD2  H  N N 33  
ARG HD3  H  N N 34  
ARG HE   H  N N 35  
ARG HH11 H  N N 36  
ARG HH12 H  N N 37  
ARG HH21 H  N N 38  
ARG HH22 H  N N 39  
ARG HXT  H  N N 40  
ASN N    N  N N 41  
ASN CA   C  N S 42  
ASN C    C  N N 43  
ASN O    O  N N 44  
ASN CB   C  N N 45  
ASN CG   C  N N 46  
ASN OD1  O  N N 47  
ASN ND2  N  N N 48  
ASN OXT  O  N N 49  
ASN H    H  N N 50  
ASN H2   H  N N 51  
ASN HA   H  N N 52  
ASN HB2  H  N N 53  
ASN HB3  H  N N 54  
ASN HD21 H  N N 55  
ASN HD22 H  N N 56  
ASN HXT  H  N N 57  
ASP N    N  N N 58  
ASP CA   C  N S 59  
ASP C    C  N N 60  
ASP O    O  N N 61  
ASP CB   C  N N 62  
ASP CG   C  N N 63  
ASP OD1  O  N N 64  
ASP OD2  O  N N 65  
ASP OXT  O  N N 66  
ASP H    H  N N 67  
ASP H2   H  N N 68  
ASP HA   H  N N 69  
ASP HB2  H  N N 70  
ASP HB3  H  N N 71  
ASP HD2  H  N N 72  
ASP HXT  H  N N 73  
CYS N    N  N N 74  
CYS CA   C  N R 75  
CYS C    C  N N 76  
CYS O    O  N N 77  
CYS CB   C  N N 78  
CYS SG   S  N N 79  
CYS OXT  O  N N 80  
CYS H    H  N N 81  
CYS H2   H  N N 82  
CYS HA   H  N N 83  
CYS HB2  H  N N 84  
CYS HB3  H  N N 85  
CYS HG   H  N N 86  
CYS HXT  H  N N 87  
GLN N    N  N N 88  
GLN CA   C  N S 89  
GLN C    C  N N 90  
GLN O    O  N N 91  
GLN CB   C  N N 92  
GLN CG   C  N N 93  
GLN CD   C  N N 94  
GLN OE1  O  N N 95  
GLN NE2  N  N N 96  
GLN OXT  O  N N 97  
GLN H    H  N N 98  
GLN H2   H  N N 99  
GLN HA   H  N N 100 
GLN HB2  H  N N 101 
GLN HB3  H  N N 102 
GLN HG2  H  N N 103 
GLN HG3  H  N N 104 
GLN HE21 H  N N 105 
GLN HE22 H  N N 106 
GLN HXT  H  N N 107 
GLU N    N  N N 108 
GLU CA   C  N S 109 
GLU C    C  N N 110 
GLU O    O  N N 111 
GLU CB   C  N N 112 
GLU CG   C  N N 113 
GLU CD   C  N N 114 
GLU OE1  O  N N 115 
GLU OE2  O  N N 116 
GLU OXT  O  N N 117 
GLU H    H  N N 118 
GLU H2   H  N N 119 
GLU HA   H  N N 120 
GLU HB2  H  N N 121 
GLU HB3  H  N N 122 
GLU HG2  H  N N 123 
GLU HG3  H  N N 124 
GLU HE2  H  N N 125 
GLU HXT  H  N N 126 
GLY N    N  N N 127 
GLY CA   C  N N 128 
GLY C    C  N N 129 
GLY O    O  N N 130 
GLY OXT  O  N N 131 
GLY H    H  N N 132 
GLY H2   H  N N 133 
GLY HA2  H  N N 134 
GLY HA3  H  N N 135 
GLY HXT  H  N N 136 
HOH O    O  N N 137 
HOH H1   H  N N 138 
HOH H2   H  N N 139 
ILE N    N  N N 140 
ILE CA   C  N S 141 
ILE C    C  N N 142 
ILE O    O  N N 143 
ILE CB   C  N S 144 
ILE CG1  C  N N 145 
ILE CG2  C  N N 146 
ILE CD1  C  N N 147 
ILE OXT  O  N N 148 
ILE H    H  N N 149 
ILE H2   H  N N 150 
ILE HA   H  N N 151 
ILE HB   H  N N 152 
ILE HG12 H  N N 153 
ILE HG13 H  N N 154 
ILE HG21 H  N N 155 
ILE HG22 H  N N 156 
ILE HG23 H  N N 157 
ILE HD11 H  N N 158 
ILE HD12 H  N N 159 
ILE HD13 H  N N 160 
ILE HXT  H  N N 161 
LEU N    N  N N 162 
LEU CA   C  N S 163 
LEU C    C  N N 164 
LEU O    O  N N 165 
LEU CB   C  N N 166 
LEU CG   C  N N 167 
LEU CD1  C  N N 168 
LEU CD2  C  N N 169 
LEU OXT  O  N N 170 
LEU H    H  N N 171 
LEU H2   H  N N 172 
LEU HA   H  N N 173 
LEU HB2  H  N N 174 
LEU HB3  H  N N 175 
LEU HG   H  N N 176 
LEU HD11 H  N N 177 
LEU HD12 H  N N 178 
LEU HD13 H  N N 179 
LEU HD21 H  N N 180 
LEU HD22 H  N N 181 
LEU HD23 H  N N 182 
LEU HXT  H  N N 183 
LYS N    N  N N 184 
LYS CA   C  N S 185 
LYS C    C  N N 186 
LYS O    O  N N 187 
LYS CB   C  N N 188 
LYS CG   C  N N 189 
LYS CD   C  N N 190 
LYS CE   C  N N 191 
LYS NZ   N  N N 192 
LYS OXT  O  N N 193 
LYS H    H  N N 194 
LYS H2   H  N N 195 
LYS HA   H  N N 196 
LYS HB2  H  N N 197 
LYS HB3  H  N N 198 
LYS HG2  H  N N 199 
LYS HG3  H  N N 200 
LYS HD2  H  N N 201 
LYS HD3  H  N N 202 
LYS HE2  H  N N 203 
LYS HE3  H  N N 204 
LYS HZ1  H  N N 205 
LYS HZ2  H  N N 206 
LYS HZ3  H  N N 207 
LYS HXT  H  N N 208 
MET N    N  N N 209 
MET CA   C  N S 210 
MET C    C  N N 211 
MET O    O  N N 212 
MET CB   C  N N 213 
MET CG   C  N N 214 
MET SD   S  N N 215 
MET CE   C  N N 216 
MET OXT  O  N N 217 
MET H    H  N N 218 
MET H2   H  N N 219 
MET HA   H  N N 220 
MET HB2  H  N N 221 
MET HB3  H  N N 222 
MET HG2  H  N N 223 
MET HG3  H  N N 224 
MET HE1  H  N N 225 
MET HE2  H  N N 226 
MET HE3  H  N N 227 
MET HXT  H  N N 228 
MSE N    N  N N 229 
MSE CA   C  N S 230 
MSE C    C  N N 231 
MSE O    O  N N 232 
MSE OXT  O  N N 233 
MSE CB   C  N N 234 
MSE CG   C  N N 235 
MSE SE   SE N N 236 
MSE CE   C  N N 237 
MSE H    H  N N 238 
MSE H2   H  N N 239 
MSE HA   H  N N 240 
MSE HXT  H  N N 241 
MSE HB2  H  N N 242 
MSE HB3  H  N N 243 
MSE HG2  H  N N 244 
MSE HG3  H  N N 245 
MSE HE1  H  N N 246 
MSE HE2  H  N N 247 
MSE HE3  H  N N 248 
PHE N    N  N N 249 
PHE CA   C  N S 250 
PHE C    C  N N 251 
PHE O    O  N N 252 
PHE CB   C  N N 253 
PHE CG   C  Y N 254 
PHE CD1  C  Y N 255 
PHE CD2  C  Y N 256 
PHE CE1  C  Y N 257 
PHE CE2  C  Y N 258 
PHE CZ   C  Y N 259 
PHE OXT  O  N N 260 
PHE H    H  N N 261 
PHE H2   H  N N 262 
PHE HA   H  N N 263 
PHE HB2  H  N N 264 
PHE HB3  H  N N 265 
PHE HD1  H  N N 266 
PHE HD2  H  N N 267 
PHE HE1  H  N N 268 
PHE HE2  H  N N 269 
PHE HZ   H  N N 270 
PHE HXT  H  N N 271 
PRO N    N  N N 272 
PRO CA   C  N S 273 
PRO C    C  N N 274 
PRO O    O  N N 275 
PRO CB   C  N N 276 
PRO CG   C  N N 277 
PRO CD   C  N N 278 
PRO OXT  O  N N 279 
PRO H    H  N N 280 
PRO HA   H  N N 281 
PRO HB2  H  N N 282 
PRO HB3  H  N N 283 
PRO HG2  H  N N 284 
PRO HG3  H  N N 285 
PRO HD2  H  N N 286 
PRO HD3  H  N N 287 
PRO HXT  H  N N 288 
SER N    N  N N 289 
SER CA   C  N S 290 
SER C    C  N N 291 
SER O    O  N N 292 
SER CB   C  N N 293 
SER OG   O  N N 294 
SER OXT  O  N N 295 
SER H    H  N N 296 
SER H2   H  N N 297 
SER HA   H  N N 298 
SER HB2  H  N N 299 
SER HB3  H  N N 300 
SER HG   H  N N 301 
SER HXT  H  N N 302 
THR N    N  N N 303 
THR CA   C  N S 304 
THR C    C  N N 305 
THR O    O  N N 306 
THR CB   C  N R 307 
THR OG1  O  N N 308 
THR CG2  C  N N 309 
THR OXT  O  N N 310 
THR H    H  N N 311 
THR H2   H  N N 312 
THR HA   H  N N 313 
THR HB   H  N N 314 
THR HG1  H  N N 315 
THR HG21 H  N N 316 
THR HG22 H  N N 317 
THR HG23 H  N N 318 
THR HXT  H  N N 319 
VAL N    N  N N 320 
VAL CA   C  N S 321 
VAL C    C  N N 322 
VAL O    O  N N 323 
VAL CB   C  N N 324 
VAL CG1  C  N N 325 
VAL CG2  C  N N 326 
VAL OXT  O  N N 327 
VAL H    H  N N 328 
VAL H2   H  N N 329 
VAL HA   H  N N 330 
VAL HB   H  N N 331 
VAL HG11 H  N N 332 
VAL HG12 H  N N 333 
VAL HG13 H  N N 334 
VAL HG21 H  N N 335 
VAL HG22 H  N N 336 
VAL HG23 H  N N 337 
VAL HXT  H  N N 338 
# 
loop_
_chem_comp_bond.comp_id 
_chem_comp_bond.atom_id_1 
_chem_comp_bond.atom_id_2 
_chem_comp_bond.value_order 
_chem_comp_bond.pdbx_aromatic_flag 
_chem_comp_bond.pdbx_stereo_config 
_chem_comp_bond.pdbx_ordinal 
ALA N   CA   sing N N 1   
ALA N   H    sing N N 2   
ALA N   H2   sing N N 3   
ALA CA  C    sing N N 4   
ALA CA  CB   sing N N 5   
ALA CA  HA   sing N N 6   
ALA C   O    doub N N 7   
ALA C   OXT  sing N N 8   
ALA CB  HB1  sing N N 9   
ALA CB  HB2  sing N N 10  
ALA CB  HB3  sing N N 11  
ALA OXT HXT  sing N N 12  
ARG N   CA   sing N N 13  
ARG N   H    sing N N 14  
ARG N   H2   sing N N 15  
ARG CA  C    sing N N 16  
ARG CA  CB   sing N N 17  
ARG CA  HA   sing N N 18  
ARG C   O    doub N N 19  
ARG C   OXT  sing N N 20  
ARG CB  CG   sing N N 21  
ARG CB  HB2  sing N N 22  
ARG CB  HB3  sing N N 23  
ARG CG  CD   sing N N 24  
ARG CG  HG2  sing N N 25  
ARG CG  HG3  sing N N 26  
ARG CD  NE   sing N N 27  
ARG CD  HD2  sing N N 28  
ARG CD  HD3  sing N N 29  
ARG NE  CZ   sing N N 30  
ARG NE  HE   sing N N 31  
ARG CZ  NH1  sing N N 32  
ARG CZ  NH2  doub N N 33  
ARG NH1 HH11 sing N N 34  
ARG NH1 HH12 sing N N 35  
ARG NH2 HH21 sing N N 36  
ARG NH2 HH22 sing N N 37  
ARG OXT HXT  sing N N 38  
ASN N   CA   sing N N 39  
ASN N   H    sing N N 40  
ASN N   H2   sing N N 41  
ASN CA  C    sing N N 42  
ASN CA  CB   sing N N 43  
ASN CA  HA   sing N N 44  
ASN C   O    doub N N 45  
ASN C   OXT  sing N N 46  
ASN CB  CG   sing N N 47  
ASN CB  HB2  sing N N 48  
ASN CB  HB3  sing N N 49  
ASN CG  OD1  doub N N 50  
ASN CG  ND2  sing N N 51  
ASN ND2 HD21 sing N N 52  
ASN ND2 HD22 sing N N 53  
ASN OXT HXT  sing N N 54  
ASP N   CA   sing N N 55  
ASP N   H    sing N N 56  
ASP N   H2   sing N N 57  
ASP CA  C    sing N N 58  
ASP CA  CB   sing N N 59  
ASP CA  HA   sing N N 60  
ASP C   O    doub N N 61  
ASP C   OXT  sing N N 62  
ASP CB  CG   sing N N 63  
ASP CB  HB2  sing N N 64  
ASP CB  HB3  sing N N 65  
ASP CG  OD1  doub N N 66  
ASP CG  OD2  sing N N 67  
ASP OD2 HD2  sing N N 68  
ASP OXT HXT  sing N N 69  
CYS N   CA   sing N N 70  
CYS N   H    sing N N 71  
CYS N   H2   sing N N 72  
CYS CA  C    sing N N 73  
CYS CA  CB   sing N N 74  
CYS CA  HA   sing N N 75  
CYS C   O    doub N N 76  
CYS C   OXT  sing N N 77  
CYS CB  SG   sing N N 78  
CYS CB  HB2  sing N N 79  
CYS CB  HB3  sing N N 80  
CYS SG  HG   sing N N 81  
CYS OXT HXT  sing N N 82  
GLN N   CA   sing N N 83  
GLN N   H    sing N N 84  
GLN N   H2   sing N N 85  
GLN CA  C    sing N N 86  
GLN CA  CB   sing N N 87  
GLN CA  HA   sing N N 88  
GLN C   O    doub N N 89  
GLN C   OXT  sing N N 90  
GLN CB  CG   sing N N 91  
GLN CB  HB2  sing N N 92  
GLN CB  HB3  sing N N 93  
GLN CG  CD   sing N N 94  
GLN CG  HG2  sing N N 95  
GLN CG  HG3  sing N N 96  
GLN CD  OE1  doub N N 97  
GLN CD  NE2  sing N N 98  
GLN NE2 HE21 sing N N 99  
GLN NE2 HE22 sing N N 100 
GLN OXT HXT  sing N N 101 
GLU N   CA   sing N N 102 
GLU N   H    sing N N 103 
GLU N   H2   sing N N 104 
GLU CA  C    sing N N 105 
GLU CA  CB   sing N N 106 
GLU CA  HA   sing N N 107 
GLU C   O    doub N N 108 
GLU C   OXT  sing N N 109 
GLU CB  CG   sing N N 110 
GLU CB  HB2  sing N N 111 
GLU CB  HB3  sing N N 112 
GLU CG  CD   sing N N 113 
GLU CG  HG2  sing N N 114 
GLU CG  HG3  sing N N 115 
GLU CD  OE1  doub N N 116 
GLU CD  OE2  sing N N 117 
GLU OE2 HE2  sing N N 118 
GLU OXT HXT  sing N N 119 
GLY N   CA   sing N N 120 
GLY N   H    sing N N 121 
GLY N   H2   sing N N 122 
GLY CA  C    sing N N 123 
GLY CA  HA2  sing N N 124 
GLY CA  HA3  sing N N 125 
GLY C   O    doub N N 126 
GLY C   OXT  sing N N 127 
GLY OXT HXT  sing N N 128 
HOH O   H1   sing N N 129 
HOH O   H2   sing N N 130 
ILE N   CA   sing N N 131 
ILE N   H    sing N N 132 
ILE N   H2   sing N N 133 
ILE CA  C    sing N N 134 
ILE CA  CB   sing N N 135 
ILE CA  HA   sing N N 136 
ILE C   O    doub N N 137 
ILE C   OXT  sing N N 138 
ILE CB  CG1  sing N N 139 
ILE CB  CG2  sing N N 140 
ILE CB  HB   sing N N 141 
ILE CG1 CD1  sing N N 142 
ILE CG1 HG12 sing N N 143 
ILE CG1 HG13 sing N N 144 
ILE CG2 HG21 sing N N 145 
ILE CG2 HG22 sing N N 146 
ILE CG2 HG23 sing N N 147 
ILE CD1 HD11 sing N N 148 
ILE CD1 HD12 sing N N 149 
ILE CD1 HD13 sing N N 150 
ILE OXT HXT  sing N N 151 
LEU N   CA   sing N N 152 
LEU N   H    sing N N 153 
LEU N   H2   sing N N 154 
LEU CA  C    sing N N 155 
LEU CA  CB   sing N N 156 
LEU CA  HA   sing N N 157 
LEU C   O    doub N N 158 
LEU C   OXT  sing N N 159 
LEU CB  CG   sing N N 160 
LEU CB  HB2  sing N N 161 
LEU CB  HB3  sing N N 162 
LEU CG  CD1  sing N N 163 
LEU CG  CD2  sing N N 164 
LEU CG  HG   sing N N 165 
LEU CD1 HD11 sing N N 166 
LEU CD1 HD12 sing N N 167 
LEU CD1 HD13 sing N N 168 
LEU CD2 HD21 sing N N 169 
LEU CD2 HD22 sing N N 170 
LEU CD2 HD23 sing N N 171 
LEU OXT HXT  sing N N 172 
LYS N   CA   sing N N 173 
LYS N   H    sing N N 174 
LYS N   H2   sing N N 175 
LYS CA  C    sing N N 176 
LYS CA  CB   sing N N 177 
LYS CA  HA   sing N N 178 
LYS C   O    doub N N 179 
LYS C   OXT  sing N N 180 
LYS CB  CG   sing N N 181 
LYS CB  HB2  sing N N 182 
LYS CB  HB3  sing N N 183 
LYS CG  CD   sing N N 184 
LYS CG  HG2  sing N N 185 
LYS CG  HG3  sing N N 186 
LYS CD  CE   sing N N 187 
LYS CD  HD2  sing N N 188 
LYS CD  HD3  sing N N 189 
LYS CE  NZ   sing N N 190 
LYS CE  HE2  sing N N 191 
LYS CE  HE3  sing N N 192 
LYS NZ  HZ1  sing N N 193 
LYS NZ  HZ2  sing N N 194 
LYS NZ  HZ3  sing N N 195 
LYS OXT HXT  sing N N 196 
MET N   CA   sing N N 197 
MET N   H    sing N N 198 
MET N   H2   sing N N 199 
MET CA  C    sing N N 200 
MET CA  CB   sing N N 201 
MET CA  HA   sing N N 202 
MET C   O    doub N N 203 
MET C   OXT  sing N N 204 
MET CB  CG   sing N N 205 
MET CB  HB2  sing N N 206 
MET CB  HB3  sing N N 207 
MET CG  SD   sing N N 208 
MET CG  HG2  sing N N 209 
MET CG  HG3  sing N N 210 
MET SD  CE   sing N N 211 
MET CE  HE1  sing N N 212 
MET CE  HE2  sing N N 213 
MET CE  HE3  sing N N 214 
MET OXT HXT  sing N N 215 
MSE N   CA   sing N N 216 
MSE N   H    sing N N 217 
MSE N   H2   sing N N 218 
MSE CA  C    sing N N 219 
MSE CA  CB   sing N N 220 
MSE CA  HA   sing N N 221 
MSE C   O    doub N N 222 
MSE C   OXT  sing N N 223 
MSE OXT HXT  sing N N 224 
MSE CB  CG   sing N N 225 
MSE CB  HB2  sing N N 226 
MSE CB  HB3  sing N N 227 
MSE CG  SE   sing N N 228 
MSE CG  HG2  sing N N 229 
MSE CG  HG3  sing N N 230 
MSE SE  CE   sing N N 231 
MSE CE  HE1  sing N N 232 
MSE CE  HE2  sing N N 233 
MSE CE  HE3  sing N N 234 
PHE N   CA   sing N N 235 
PHE N   H    sing N N 236 
PHE N   H2   sing N N 237 
PHE CA  C    sing N N 238 
PHE CA  CB   sing N N 239 
PHE CA  HA   sing N N 240 
PHE C   O    doub N N 241 
PHE C   OXT  sing N N 242 
PHE CB  CG   sing N N 243 
PHE CB  HB2  sing N N 244 
PHE CB  HB3  sing N N 245 
PHE CG  CD1  doub Y N 246 
PHE CG  CD2  sing Y N 247 
PHE CD1 CE1  sing Y N 248 
PHE CD1 HD1  sing N N 249 
PHE CD2 CE2  doub Y N 250 
PHE CD2 HD2  sing N N 251 
PHE CE1 CZ   doub Y N 252 
PHE CE1 HE1  sing N N 253 
PHE CE2 CZ   sing Y N 254 
PHE CE2 HE2  sing N N 255 
PHE CZ  HZ   sing N N 256 
PHE OXT HXT  sing N N 257 
PRO N   CA   sing N N 258 
PRO N   CD   sing N N 259 
PRO N   H    sing N N 260 
PRO CA  C    sing N N 261 
PRO CA  CB   sing N N 262 
PRO CA  HA   sing N N 263 
PRO C   O    doub N N 264 
PRO C   OXT  sing N N 265 
PRO CB  CG   sing N N 266 
PRO CB  HB2  sing N N 267 
PRO CB  HB3  sing N N 268 
PRO CG  CD   sing N N 269 
PRO CG  HG2  sing N N 270 
PRO CG  HG3  sing N N 271 
PRO CD  HD2  sing N N 272 
PRO CD  HD3  sing N N 273 
PRO OXT HXT  sing N N 274 
SER N   CA   sing N N 275 
SER N   H    sing N N 276 
SER N   H2   sing N N 277 
SER CA  C    sing N N 278 
SER CA  CB   sing N N 279 
SER CA  HA   sing N N 280 
SER C   O    doub N N 281 
SER C   OXT  sing N N 282 
SER CB  OG   sing N N 283 
SER CB  HB2  sing N N 284 
SER CB  HB3  sing N N 285 
SER OG  HG   sing N N 286 
SER OXT HXT  sing N N 287 
THR N   CA   sing N N 288 
THR N   H    sing N N 289 
THR N   H2   sing N N 290 
THR CA  C    sing N N 291 
THR CA  CB   sing N N 292 
THR CA  HA   sing N N 293 
THR C   O    doub N N 294 
THR C   OXT  sing N N 295 
THR CB  OG1  sing N N 296 
THR CB  CG2  sing N N 297 
THR CB  HB   sing N N 298 
THR OG1 HG1  sing N N 299 
THR CG2 HG21 sing N N 300 
THR CG2 HG22 sing N N 301 
THR CG2 HG23 sing N N 302 
THR OXT HXT  sing N N 303 
VAL N   CA   sing N N 304 
VAL N   H    sing N N 305 
VAL N   H2   sing N N 306 
VAL CA  C    sing N N 307 
VAL CA  CB   sing N N 308 
VAL CA  HA   sing N N 309 
VAL C   O    doub N N 310 
VAL C   OXT  sing N N 311 
VAL CB  CG1  sing N N 312 
VAL CB  CG2  sing N N 313 
VAL CB  HB   sing N N 314 
VAL CG1 HG11 sing N N 315 
VAL CG1 HG12 sing N N 316 
VAL CG1 HG13 sing N N 317 
VAL CG2 HG21 sing N N 318 
VAL CG2 HG22 sing N N 319 
VAL CG2 HG23 sing N N 320 
VAL OXT HXT  sing N N 321 
# 
_atom_sites.entry_id                    2PP6 
_atom_sites.fract_transf_matrix[1][1]   -0.00880417 
_atom_sites.fract_transf_matrix[1][2]   0.01293292 
_atom_sites.fract_transf_matrix[1][3]   0.01129775 
_atom_sites.fract_transf_matrix[2][1]   0.01347124 
_atom_sites.fract_transf_matrix[2][2]   0.01307519 
_atom_sites.fract_transf_matrix[2][3]   -0.00446968 
_atom_sites.fract_transf_matrix[3][1]   -0.00796028 
_atom_sites.fract_transf_matrix[3][2]   0.00437054 
_atom_sites.fract_transf_matrix[3][3]   -0.01120643 
_atom_sites.fract_transf_vector[1]      0.619527 
_atom_sites.fract_transf_vector[2]      0.312568 
_atom_sites.fract_transf_vector[3]      0.257997 
# 
loop_
_atom_type.symbol 
C  
N  
O  
S  
SE 
# 
loop_
_atom_site.group_PDB 
_atom_site.id 
_atom_site.type_symbol 
_atom_site.label_atom_id 
_atom_site.label_alt_id 
_atom_site.label_comp_id 
_atom_site.label_asym_id 
_atom_site.label_entity_id 
_atom_site.label_seq_id 
_atom_site.pdbx_PDB_ins_code 
_atom_site.Cartn_x 
_atom_site.Cartn_y 
_atom_site.Cartn_z 
_atom_site.occupancy 
_atom_site.B_iso_or_equiv 
_atom_site.pdbx_formal_charge 
_atom_site.auth_seq_id 
_atom_site.auth_comp_id 
_atom_site.auth_asym_id 
_atom_site.auth_atom_id 
_atom_site.pdbx_PDB_model_num 
ATOM   1   N  N   . SER A 1 1  ? 30.322  -6.156  -4.385  1.00 62.61  ? -2  SER A N   1 
ATOM   2   C  CA  . SER A 1 1  ? 29.566  -6.226  -5.671  1.00 61.78  ? -2  SER A CA  1 
ATOM   3   C  C   . SER A 1 1  ? 28.134  -6.660  -5.370  1.00 58.12  ? -2  SER A C   1 
ATOM   4   O  O   . SER A 1 1  ? 27.490  -6.100  -4.480  1.00 55.94  ? -2  SER A O   1 
ATOM   5   C  CB  . SER A 1 1  ? 30.245  -7.230  -6.619  1.00 90.92  ? -2  SER A CB  1 
ATOM   6   O  OG  . SER A 1 1  ? 29.654  -7.227  -7.912  1.00 94.72  ? -2  SER A OG  1 
ATOM   7   N  N   . ASN A 1 2  ? 27.650  -7.650  -6.120  1.00 50.09  ? -1  ASN A N   1 
ATOM   8   C  CA  . ASN A 1 2  ? 26.309  -8.199  -5.937  1.00 44.12  ? -1  ASN A CA  1 
ATOM   9   C  C   . ASN A 1 2  ? 26.008  -8.533  -4.486  1.00 39.50  ? -1  ASN A C   1 
ATOM   10  O  O   . ASN A 1 2  ? 24.909  -8.271  -4.003  1.00 38.15  ? -1  ASN A O   1 
ATOM   11  C  CB  . ASN A 1 2  ? 26.137  -9.464  -6.773  1.00 52.88  ? -1  ASN A CB  1 
ATOM   12  C  CG  . ASN A 1 2  ? 25.605  -9.170  -8.129  1.00 51.97  ? -1  ASN A CG  1 
ATOM   13  O  OD1 . ASN A 1 2  ? 25.740  -8.051  -8.610  1.00 50.40  ? -1  ASN A OD1 1 
ATOM   14  N  ND2 . ASN A 1 2  ? 24.998  -10.161 -8.767  1.00 51.61  ? -1  ASN A ND2 1 
ATOM   15  N  N   . ALA A 1 3  ? 26.985  -9.125  -3.803  1.00 35.42  ? 0   ALA A N   1 
ATOM   16  C  CA  . ALA A 1 3  ? 26.833  -9.501  -2.406  1.00 30.50  ? 0   ALA A CA  1 
ATOM   17  C  C   . ALA A 1 3  ? 26.172  -8.374  -1.620  1.00 28.98  ? 0   ALA A C   1 
ATOM   18  O  O   . ALA A 1 3  ? 25.065  -8.535  -1.109  1.00 26.62  ? 0   ALA A O   1 
ATOM   19  C  CB  . ALA A 1 3  ? 28.182  -9.826  -1.814  1.00 43.34  ? 0   ALA A CB  1 
HETATM 20  N  N   . MSE A 1 4  ? 26.848  -7.236  -1.526  1.00 26.23  ? 1   MSE A N   1 
HETATM 21  C  CA  . MSE A 1 4  ? 26.283  -6.112  -0.807  1.00 28.03  ? 1   MSE A CA  1 
HETATM 22  C  C   . MSE A 1 4  ? 24.891  -5.764  -1.339  1.00 27.68  ? 1   MSE A C   1 
HETATM 23  O  O   . MSE A 1 4  ? 23.938  -5.629  -0.565  1.00 28.69  ? 1   MSE A O   1 
HETATM 24  C  CB  . MSE A 1 4  ? 27.180  -4.885  -0.917  1.00 32.81  ? 1   MSE A CB  1 
HETATM 25  C  CG  . MSE A 1 4  ? 26.641  -3.738  -0.109  1.00 35.65  ? 1   MSE A CG  1 
HETATM 26  SE SE  . MSE A 1 4  ? 27.807  -2.226  0.030   0.75 40.73  ? 1   MSE A SE  1 
HETATM 27  C  CE  . MSE A 1 4  ? 26.808  -0.974  -1.071  1.00 39.25  ? 1   MSE A CE  1 
ATOM   28  N  N   . ALA A 1 5  ? 24.770  -5.625  -2.656  1.00 33.15  ? 2   ALA A N   1 
ATOM   29  C  CA  . ALA A 1 5  ? 23.489  -5.288  -3.263  1.00 33.36  ? 2   ALA A CA  1 
ATOM   30  C  C   . ALA A 1 5  ? 22.413  -6.346  -2.999  1.00 36.78  ? 2   ALA A C   1 
ATOM   31  O  O   . ALA A 1 5  ? 21.261  -6.002  -2.721  1.00 36.11  ? 2   ALA A O   1 
ATOM   32  C  CB  . ALA A 1 5  ? 23.665  -5.065  -4.763  1.00 19.41  ? 2   ALA A CB  1 
ATOM   33  N  N   . ASP A 1 6  ? 22.771  -7.626  -3.085  1.00 27.49  ? 3   ASP A N   1 
ATOM   34  C  CA  . ASP A 1 6  ? 21.802  -8.697  -2.834  1.00 29.21  ? 3   ASP A CA  1 
ATOM   35  C  C   . ASP A 1 6  ? 21.372  -8.697  -1.370  1.00 27.84  ? 3   ASP A C   1 
ATOM   36  O  O   . ASP A 1 6  ? 20.237  -9.056  -1.035  1.00 24.63  ? 3   ASP A O   1 
ATOM   37  C  CB  . ASP A 1 6  ? 22.391  -10.076 -3.168  1.00 44.99  ? 3   ASP A CB  1 
ATOM   38  C  CG  . ASP A 1 6  ? 22.410  -10.365 -4.655  1.00 60.56  ? 3   ASP A CG  1 
ATOM   39  O  OD1 . ASP A 1 6  ? 21.357  -10.198 -5.311  1.00 67.75  ? 3   ASP A OD1 1 
ATOM   40  O  OD2 . ASP A 1 6  ? 23.478  -10.772 -5.167  1.00 69.52  ? 3   ASP A OD2 1 
ATOM   41  N  N   . LEU A 1 7  ? 22.290  -8.305  -0.496  1.00 31.89  ? 4   LEU A N   1 
ATOM   42  C  CA  . LEU A 1 7  ? 21.993  -8.265  0.921   1.00 25.54  ? 4   LEU A CA  1 
ATOM   43  C  C   . LEU A 1 7  ? 20.994  -7.149  1.151   1.00 23.20  ? 4   LEU A C   1 
ATOM   44  O  O   . LEU A 1 7  ? 19.954  -7.362  1.765   1.00 21.36  ? 4   LEU A O   1 
ATOM   45  C  CB  . LEU A 1 7  ? 23.265  -7.993  1.726   1.00 19.40  ? 4   LEU A CB  1 
ATOM   46  C  CG  . LEU A 1 7  ? 23.283  -8.294  3.227   1.00 22.49  ? 4   LEU A CG  1 
ATOM   47  C  CD1 . LEU A 1 7  ? 24.094  -7.215  3.932   1.00 22.76  ? 4   LEU A CD1 1 
ATOM   48  C  CD2 . LEU A 1 7  ? 21.875  -8.341  3.783   1.00 25.39  ? 4   LEU A CD2 1 
ATOM   49  N  N   . PHE A 1 8  ? 21.318  -5.963  0.645   1.00 24.10  ? 5   PHE A N   1 
ATOM   50  C  CA  . PHE A 1 8  ? 20.463  -4.791  0.800   1.00 24.36  ? 5   PHE A CA  1 
ATOM   51  C  C   . PHE A 1 8  ? 19.050  -5.047  0.303   1.00 26.31  ? 5   PHE A C   1 
ATOM   52  O  O   . PHE A 1 8  ? 18.079  -4.607  0.925   1.00 21.80  ? 5   PHE A O   1 
ATOM   53  C  CB  . PHE A 1 8  ? 21.056  -3.597  0.051   1.00 27.19  ? 5   PHE A CB  1 
ATOM   54  C  CG  . PHE A 1 8  ? 22.231  -2.956  0.746   1.00 30.15  ? 5   PHE A CG  1 
ATOM   55  C  CD1 . PHE A 1 8  ? 22.896  -3.609  1.781   1.00 28.81  ? 5   PHE A CD1 1 
ATOM   56  C  CD2 . PHE A 1 8  ? 22.678  -1.697  0.357   1.00 27.44  ? 5   PHE A CD2 1 
ATOM   57  C  CE1 . PHE A 1 8  ? 23.980  -3.016  2.421   1.00 26.88  ? 5   PHE A CE1 1 
ATOM   58  C  CE2 . PHE A 1 8  ? 23.760  -1.103  0.991   1.00 29.90  ? 5   PHE A CE2 1 
ATOM   59  C  CZ  . PHE A 1 8  ? 24.413  -1.767  2.029   1.00 28.54  ? 5   PHE A CZ  1 
ATOM   60  N  N   . ASP A 1 9  ? 18.932  -5.771  -0.809  1.00 23.58  ? 6   ASP A N   1 
ATOM   61  C  CA  . ASP A 1 9  ? 17.618  -6.054  -1.366  1.00 25.40  ? 6   ASP A CA  1 
ATOM   62  C  C   . ASP A 1 9  ? 16.782  -6.911  -0.418  1.00 24.30  ? 6   ASP A C   1 
ATOM   63  O  O   . ASP A 1 9  ? 15.596  -6.635  -0.188  1.00 20.75  ? 6   ASP A O   1 
ATOM   64  C  CB  . ASP A 1 9  ? 17.747  -6.754  -2.716  1.00 51.01  ? 6   ASP A CB  1 
ATOM   65  C  CG  . ASP A 1 9  ? 16.450  -6.732  -3.504  1.00 63.28  ? 6   ASP A CG  1 
ATOM   66  O  OD1 . ASP A 1 9  ? 16.042  -5.632  -3.950  1.00 67.38  ? 6   ASP A OD1 1 
ATOM   67  O  OD2 . ASP A 1 9  ? 15.838  -7.811  -3.669  1.00 65.39  ? 6   ASP A OD2 1 
ATOM   68  N  N   . GLY A 1 10 ? 17.413  -7.949  0.127   1.00 18.29  ? 7   GLY A N   1 
ATOM   69  C  CA  . GLY A 1 10 ? 16.730  -8.834  1.049   1.00 20.40  ? 7   GLY A CA  1 
ATOM   70  C  C   . GLY A 1 10 ? 16.333  -8.114  2.323   1.00 22.84  ? 7   GLY A C   1 
ATOM   71  O  O   . GLY A 1 10 ? 15.281  -8.370  2.895   1.00 20.12  ? 7   GLY A O   1 
HETATM 72  N  N   . MSE A 1 11 ? 17.170  -7.201  2.787   1.00 27.51  ? 8   MSE A N   1 
HETATM 73  C  CA  . MSE A 1 11 ? 16.826  -6.493  3.995   1.00 29.88  ? 8   MSE A CA  1 
HETATM 74  C  C   . MSE A 1 11 ? 15.614  -5.627  3.713   1.00 30.40  ? 8   MSE A C   1 
HETATM 75  O  O   . MSE A 1 11 ? 14.668  -5.600  4.500   1.00 26.77  ? 8   MSE A O   1 
HETATM 76  C  CB  . MSE A 1 11 ? 18.024  -5.682  4.470   1.00 49.50  ? 8   MSE A CB  1 
HETATM 77  C  CG  . MSE A 1 11 ? 19.141  -6.588  4.952   1.00 61.73  ? 8   MSE A CG  1 
HETATM 78  SE SE  . MSE A 1 11 ? 20.675  -5.686  5.649   0.80 67.75  ? 8   MSE A SE  1 
HETATM 79  C  CE  . MSE A 1 11 ? 19.790  -4.231  6.541   1.00 70.66  ? 8   MSE A CE  1 
ATOM   80  N  N   . LYS A 1 12 ? 15.626  -4.944  2.574   1.00 22.16  ? 9   LYS A N   1 
ATOM   81  C  CA  . LYS A 1 12 ? 14.486  -4.117  2.210   1.00 21.26  ? 9   LYS A CA  1 
ATOM   82  C  C   . LYS A 1 12 ? 13.240  -4.997  2.101   1.00 20.33  ? 9   LYS A C   1 
ATOM   83  O  O   . LYS A 1 12 ? 12.191  -4.659  2.631   1.00 14.23  ? 9   LYS A O   1 
ATOM   84  C  CB  . LYS A 1 12 ? 14.728  -3.400  0.879   1.00 33.34  ? 9   LYS A CB  1 
ATOM   85  C  CG  . LYS A 1 12 ? 15.902  -2.429  0.897   1.00 42.35  ? 9   LYS A CG  1 
ATOM   86  C  CD  . LYS A 1 12 ? 16.131  -1.819  -0.478  1.00 47.39  ? 9   LYS A CD  1 
ATOM   87  C  CE  . LYS A 1 12 ? 17.396  -0.980  -0.514  1.00 50.32  ? 9   LYS A CE  1 
ATOM   88  N  NZ  . LYS A 1 12 ? 17.355  0.126   0.480   1.00 51.15  ? 9   LYS A NZ  1 
ATOM   89  N  N   . ARG A 1 13 ? 13.343  -6.138  1.431   1.00 25.33  ? 10  ARG A N   1 
ATOM   90  C  CA  . ARG A 1 13 ? 12.172  -6.984  1.303   1.00 28.17  ? 10  ARG A CA  1 
ATOM   91  C  C   . ARG A 1 13 ? 11.619  -7.409  2.668   1.00 26.73  ? 10  ARG A C   1 
ATOM   92  O  O   . ARG A 1 13 ? 10.409  -7.352  2.893   1.00 26.96  ? 10  ARG A O   1 
ATOM   93  C  CB  . ARG A 1 13 ? 12.479  -8.215  0.450   1.00 66.87  ? 10  ARG A CB  1 
ATOM   94  C  CG  . ARG A 1 13 ? 11.411  -8.488  -0.602  1.00 79.39  ? 10  ARG A CG  1 
ATOM   95  C  CD  . ARG A 1 13 ? 11.221  -9.981  -0.898  1.00 89.34  ? 10  ARG A CD  1 
ATOM   96  N  NE  . ARG A 1 13 ? 12.447  -10.652 -1.331  1.00 94.47  ? 10  ARG A NE  1 
ATOM   97  C  CZ  . ARG A 1 13 ? 13.352  -11.177 -0.509  1.00 97.96  ? 10  ARG A CZ  1 
ATOM   98  N  NH1 . ARG A 1 13 ? 13.179  -11.119 0.808   1.00 98.69  ? 10  ARG A NH1 1 
ATOM   99  N  NH2 . ARG A 1 13 ? 14.441  -11.753 -1.007  1.00 99.38  ? 10  ARG A NH2 1 
ATOM   100 N  N   . ARG A 1 14 ? 12.495  -7.825  3.579   1.00 31.29  ? 11  ARG A N   1 
ATOM   101 C  CA  . ARG A 1 14 ? 12.063  -8.247  4.906   1.00 28.67  ? 11  ARG A CA  1 
ATOM   102 C  C   . ARG A 1 14 ? 11.553  -7.050  5.722   1.00 28.92  ? 11  ARG A C   1 
ATOM   103 O  O   . ARG A 1 14 ? 10.592  -7.168  6.490   1.00 25.50  ? 11  ARG A O   1 
ATOM   104 C  CB  . ARG A 1 14 ? 13.210  -8.943  5.643   1.00 42.69  ? 11  ARG A CB  1 
ATOM   105 C  CG  . ARG A 1 14 ? 13.849  -10.089 4.860   1.00 43.66  ? 11  ARG A CG  1 
ATOM   106 C  CD  . ARG A 1 14 ? 14.733  -10.960 5.755   1.00 52.61  ? 11  ARG A CD  1 
ATOM   107 N  NE  . ARG A 1 14 ? 15.679  -11.775 4.994   1.00 57.72  ? 11  ARG A NE  1 
ATOM   108 C  CZ  . ARG A 1 14 ? 16.745  -11.285 4.365   1.00 62.42  ? 11  ARG A CZ  1 
ATOM   109 N  NH1 . ARG A 1 14 ? 17.556  -12.090 3.689   1.00 64.26  ? 11  ARG A NH1 1 
ATOM   110 N  NH2 . ARG A 1 14 ? 17.007  -9.988  4.414   1.00 61.60  ? 11  ARG A NH2 1 
HETATM 111 N  N   . MSE A 1 15 ? 12.183  -5.891  5.553   1.00 24.66  ? 12  MSE A N   1 
HETATM 112 C  CA  . MSE A 1 15 ? 11.751  -4.702  6.271   1.00 24.17  ? 12  MSE A CA  1 
HETATM 113 C  C   . MSE A 1 15 ? 10.313  -4.322  5.945   1.00 23.05  ? 12  MSE A C   1 
HETATM 114 O  O   . MSE A 1 15 ? 9.547   -3.950  6.828   1.00 22.26  ? 12  MSE A O   1 
HETATM 115 C  CB  . MSE A 1 15 ? 12.671  -3.531  5.953   1.00 35.18  ? 12  MSE A CB  1 
HETATM 116 C  CG  . MSE A 1 15 ? 14.050  -3.674  6.577   1.00 48.37  ? 12  MSE A CG  1 
HETATM 117 SE SE  . MSE A 1 15 ? 15.238  -2.216  6.202   0.70 48.61  ? 12  MSE A SE  1 
HETATM 118 C  CE  . MSE A 1 15 ? 15.217  -1.384  7.907   1.00 53.48  ? 12  MSE A CE  1 
ATOM   119 N  N   . ASP A 1 16 ? 9.936   -4.410  4.677   1.00 28.58  ? 13  ASP A N   1 
ATOM   120 C  CA  . ASP A 1 16 ? 8.588   -4.045  4.305   1.00 26.18  ? 13  ASP A CA  1 
ATOM   121 C  C   . ASP A 1 16 ? 7.573   -5.065  4.748   1.00 25.14  ? 13  ASP A C   1 
ATOM   122 O  O   . ASP A 1 16 ? 6.445   -4.722  5.101   1.00 27.03  ? 13  ASP A O   1 
ATOM   123 C  CB  . ASP A 1 16 ? 8.473   -3.868  2.806   1.00 32.32  ? 13  ASP A CB  1 
ATOM   124 C  CG  . ASP A 1 16 ? 9.216   -2.667  2.318   1.00 41.17  ? 13  ASP A CG  1 
ATOM   125 O  OD1 . ASP A 1 16 ? 9.424   -1.732  3.124   1.00 44.21  ? 13  ASP A OD1 1 
ATOM   126 O  OD2 . ASP A 1 16 ? 9.579   -2.650  1.123   1.00 46.74  ? 13  ASP A OD2 1 
ATOM   127 N  N   . ALA A 1 17 ? 7.966   -6.327  4.727   1.00 23.58  ? 14  ALA A N   1 
ATOM   128 C  CA  . ALA A 1 17 ? 7.045   -7.372  5.115   1.00 23.47  ? 14  ALA A CA  1 
ATOM   129 C  C   . ALA A 1 17 ? 6.703   -7.257  6.584   1.00 23.37  ? 14  ALA A C   1 
ATOM   130 O  O   . ALA A 1 17 ? 5.617   -7.649  7.004   1.00 24.29  ? 14  ALA A O   1 
ATOM   131 C  CB  . ALA A 1 17 ? 7.642   -8.728  4.818   1.00 4.10   ? 14  ALA A CB  1 
ATOM   132 N  N   . LEU A 1 18 ? 7.632   -6.709  7.361   1.00 26.00  ? 15  LEU A N   1 
ATOM   133 C  CA  . LEU A 1 18 ? 7.425   -6.556  8.790   1.00 27.07  ? 15  LEU A CA  1 
ATOM   134 C  C   . LEU A 1 18 ? 6.499   -5.385  9.065   1.00 26.41  ? 15  LEU A C   1 
ATOM   135 O  O   . LEU A 1 18 ? 5.630   -5.463  9.936   1.00 26.53  ? 15  LEU A O   1 
ATOM   136 C  CB  . LEU A 1 18 ? 8.768   -6.353  9.495   1.00 27.62  ? 15  LEU A CB  1 
ATOM   137 C  CG  . LEU A 1 18 ? 8.765   -6.184  11.016  1.00 28.21  ? 15  LEU A CG  1 
ATOM   138 C  CD1 . LEU A 1 18 ? 8.052   -7.341  11.687  1.00 23.99  ? 15  LEU A CD1 1 
ATOM   139 C  CD2 . LEU A 1 18 ? 10.200  -6.090  11.495  1.00 31.70  ? 15  LEU A CD2 1 
ATOM   140 N  N   . ILE A 1 19 ? 6.687   -4.296  8.330   1.00 29.67  ? 16  ILE A N   1 
ATOM   141 C  CA  . ILE A 1 19 ? 5.830   -3.137  8.511   1.00 31.92  ? 16  ILE A CA  1 
ATOM   142 C  C   . ILE A 1 19 ? 4.401   -3.519  8.155   1.00 32.11  ? 16  ILE A C   1 
ATOM   143 O  O   . ILE A 1 19 ? 3.454   -3.134  8.846   1.00 32.48  ? 16  ILE A O   1 
ATOM   144 C  CB  . ILE A 1 19 ? 6.240   -1.965  7.617   1.00 16.90  ? 16  ILE A CB  1 
ATOM   145 C  CG1 . ILE A 1 19 ? 7.557   -1.372  8.094   1.00 16.48  ? 16  ILE A CG1 1 
ATOM   146 C  CG2 . ILE A 1 19 ? 5.156   -0.895  7.647   1.00 14.64  ? 16  ILE A CG2 1 
ATOM   147 C  CD1 . ILE A 1 19 ? 7.929   -0.121  7.351   1.00 16.84  ? 16  ILE A CD1 1 
ATOM   148 N  N   . ALA A 1 20 ? 4.247   -4.278  7.076   1.00 22.60  ? 17  ALA A N   1 
ATOM   149 C  CA  . ALA A 1 20 ? 2.924   -4.702  6.643   1.00 25.06  ? 17  ALA A CA  1 
ATOM   150 C  C   . ALA A 1 20 ? 2.292   -5.619  7.684   1.00 28.05  ? 17  ALA A C   1 
ATOM   151 O  O   . ALA A 1 20 ? 1.094   -5.531  7.956   1.00 23.83  ? 17  ALA A O   1 
ATOM   152 C  CB  . ALA A 1 20 ? 3.012   -5.411  5.300   1.00 31.23  ? 17  ALA A CB  1 
ATOM   153 N  N   . GLU A 1 21 ? 3.106   -6.493  8.270   1.00 29.24  ? 18  GLU A N   1 
ATOM   154 C  CA  . GLU A 1 21 ? 2.625   -7.421  9.284   1.00 30.92  ? 18  GLU A CA  1 
ATOM   155 C  C   . GLU A 1 21 ? 2.176   -6.693  10.540  1.00 29.36  ? 18  GLU A C   1 
ATOM   156 O  O   . GLU A 1 21 ? 1.185   -7.052  11.148  1.00 29.30  ? 18  GLU A O   1 
ATOM   157 C  CB  . GLU A 1 21 ? 3.718   -8.424  9.655   1.00 55.18  ? 18  GLU A CB  1 
ATOM   158 C  CG  . GLU A 1 21 ? 3.249   -9.502  10.609  1.00 73.77  ? 18  GLU A CG  1 
ATOM   159 C  CD  . GLU A 1 21 ? 2.175   -10.393 9.996   1.00 84.50  ? 18  GLU A CD  1 
ATOM   160 O  OE1 . GLU A 1 21 ? 1.542   -11.177 10.741  1.00 87.30  ? 18  GLU A OE1 1 
ATOM   161 O  OE2 . GLU A 1 21 ? 1.966   -10.317 8.764   1.00 88.81  ? 18  GLU A OE2 1 
ATOM   162 N  N   . ARG A 1 22 ? 2.905   -5.661  10.928  1.00 27.14  ? 19  ARG A N   1 
ATOM   163 C  CA  . ARG A 1 22 ? 2.572   -4.919  12.123  1.00 24.76  ? 19  ARG A CA  1 
ATOM   164 C  C   . ARG A 1 22 ? 1.471   -3.890  11.976  1.00 25.31  ? 19  ARG A C   1 
ATOM   165 O  O   . ARG A 1 22 ? 0.658   -3.747  12.871  1.00 23.59  ? 19  ARG A O   1 
ATOM   166 C  CB  . ARG A 1 22 ? 3.816   -4.221  12.670  1.00 37.56  ? 19  ARG A CB  1 
ATOM   167 C  CG  . ARG A 1 22 ? 4.530   -5.002  13.741  1.00 46.95  ? 19  ARG A CG  1 
ATOM   168 C  CD  . ARG A 1 22 ? 4.680   -4.151  14.983  1.00 50.78  ? 19  ARG A CD  1 
ATOM   169 N  NE  . ARG A 1 22 ? 5.718   -3.142  14.825  1.00 50.64  ? 19  ARG A NE  1 
ATOM   170 C  CZ  . ARG A 1 22 ? 5.919   -2.138  15.670  1.00 52.29  ? 19  ARG A CZ  1 
ATOM   171 N  NH1 . ARG A 1 22 ? 6.898   -1.274  15.441  1.00 52.28  ? 19  ARG A NH1 1 
ATOM   172 N  NH2 . ARG A 1 22 ? 5.134   -1.985  16.732  1.00 50.37  ? 19  ARG A NH2 1 
ATOM   173 N  N   . PHE A 1 23 ? 1.440   -3.164  10.862  1.00 37.34  ? 20  PHE A N   1 
ATOM   174 C  CA  . PHE A 1 23 ? 0.439   -2.122  10.685  1.00 35.56  ? 20  PHE A CA  1 
ATOM   175 C  C   . PHE A 1 23 ? -0.527  -2.345  9.516   1.00 35.86  ? 20  PHE A C   1 
ATOM   176 O  O   . PHE A 1 23 ? -1.518  -1.624  9.376   1.00 34.97  ? 20  PHE A O   1 
ATOM   177 C  CB  . PHE A 1 23 ? 1.143   -0.769  10.521  1.00 36.50  ? 20  PHE A CB  1 
ATOM   178 C  CG  . PHE A 1 23 ? 2.320   -0.579  11.446  1.00 41.67  ? 20  PHE A CG  1 
ATOM   179 C  CD1 . PHE A 1 23 ? 2.159   -0.641  12.829  1.00 43.44  ? 20  PHE A CD1 1 
ATOM   180 C  CD2 . PHE A 1 23 ? 3.595   -0.364  10.936  1.00 41.00  ? 20  PHE A CD2 1 
ATOM   181 C  CE1 . PHE A 1 23 ? 3.245   -0.494  13.686  1.00 37.53  ? 20  PHE A CE1 1 
ATOM   182 C  CE2 . PHE A 1 23 ? 4.688   -0.216  11.789  1.00 41.32  ? 20  PHE A CE2 1 
ATOM   183 C  CZ  . PHE A 1 23 ? 4.509   -0.282  13.164  1.00 40.29  ? 20  PHE A CZ  1 
ATOM   184 N  N   . GLY A 1 24 ? -0.261  -3.341  8.679   1.00 31.49  ? 21  GLY A N   1 
ATOM   185 C  CA  . GLY A 1 24 ? -1.146  -3.582  7.555   1.00 33.83  ? 21  GLY A CA  1 
ATOM   186 C  C   . GLY A 1 24 ? -2.620  -3.815  7.873   1.00 33.30  ? 21  GLY A C   1 
ATOM   187 O  O   . GLY A 1 24 ? -2.968  -4.389  8.907   1.00 31.70  ? 21  GLY A O   1 
HETATM 188 N  N   . MSE A 1 25 ? -3.486  -3.352  6.974   1.00 32.08  ? 22  MSE A N   1 
HETATM 189 C  CA  . MSE A 1 25 ? -4.928  -3.534  7.092   1.00 32.97  ? 22  MSE A CA  1 
HETATM 190 C  C   . MSE A 1 25 ? -5.360  -4.347  5.892   1.00 34.05  ? 22  MSE A C   1 
HETATM 191 O  O   . MSE A 1 25 ? -4.717  -4.292  4.840   1.00 34.11  ? 22  MSE A O   1 
HETATM 192 C  CB  . MSE A 1 25 ? -5.673  -2.221  7.011   1.00 44.06  ? 22  MSE A CB  1 
HETATM 193 C  CG  . MSE A 1 25 ? -5.531  -1.328  8.187   1.00 54.02  ? 22  MSE A CG  1 
HETATM 194 SE SE  . MSE A 1 25 ? -6.758  0.114   7.905   0.75 61.99  ? 22  MSE A SE  1 
HETATM 195 C  CE  . MSE A 1 25 ? -5.917  0.910   6.364   1.00 57.83  ? 22  MSE A CE  1 
ATOM   196 N  N   . LYS A 1 26 ? -6.453  -5.090  6.045   1.00 31.75  ? 23  LYS A N   1 
ATOM   197 C  CA  . LYS A 1 26 ? -6.991  -5.898  4.958   1.00 28.05  ? 23  LYS A CA  1 
ATOM   198 C  C   . LYS A 1 26 ? -8.005  -4.996  4.280   1.00 25.10  ? 23  LYS A C   1 
ATOM   199 O  O   . LYS A 1 26 ? -8.912  -4.453  4.913   1.00 24.54  ? 23  LYS A O   1 
ATOM   200 C  CB  . LYS A 1 26 ? -7.639  -7.156  5.519   1.00 32.85  ? 23  LYS A CB  1 
ATOM   201 C  CG  . LYS A 1 26 ? -8.458  -7.960  4.533   1.00 38.84  ? 23  LYS A CG  1 
ATOM   202 C  CD  . LYS A 1 26 ? -7.597  -8.754  3.598   1.00 47.03  ? 23  LYS A CD  1 
ATOM   203 C  CE  . LYS A 1 26 ? -8.005  -10.211 3.657   1.00 47.54  ? 23  LYS A CE  1 
ATOM   204 N  NZ  . LYS A 1 26 ? -9.461  -10.371 3.413   1.00 48.27  ? 23  LYS A NZ  1 
ATOM   205 N  N   . VAL A 1 27 ? -7.854  -4.823  2.987   1.00 21.70  ? 24  VAL A N   1 
ATOM   206 C  CA  . VAL A 1 27 ? -8.716  -3.889  2.302   1.00 22.66  ? 24  VAL A CA  1 
ATOM   207 C  C   . VAL A 1 27 ? -9.057  -4.371  0.903   1.00 25.81  ? 24  VAL A C   1 
ATOM   208 O  O   . VAL A 1 27 ? -8.294  -5.121  0.299   1.00 28.04  ? 24  VAL A O   1 
ATOM   209 C  CB  . VAL A 1 27 ? -7.989  -2.516  2.274   1.00 20.90  ? 24  VAL A CB  1 
ATOM   210 C  CG1 . VAL A 1 27 ? -7.650  -2.096  0.849   1.00 21.70  ? 24  VAL A CG1 1 
ATOM   211 C  CG2 . VAL A 1 27 ? -8.794  -1.500  3.005   1.00 20.11  ? 24  VAL A CG2 1 
ATOM   212 N  N   . ASN A 1 28 ? -10.201 -3.946  0.383   1.00 21.94  ? 25  ASN A N   1 
ATOM   213 C  CA  . ASN A 1 28 ? -10.599 -4.368  -0.944  1.00 21.36  ? 25  ASN A CA  1 
ATOM   214 C  C   . ASN A 1 28 ? -10.470 -3.218  -1.926  1.00 21.39  ? 25  ASN A C   1 
ATOM   215 O  O   . ASN A 1 28 ? -11.071 -2.162  -1.727  1.00 22.77  ? 25  ASN A O   1 
ATOM   216 C  CB  . ASN A 1 28 ? -12.038 -4.893  -0.922  1.00 20.89  ? 25  ASN A CB  1 
ATOM   217 C  CG  . ASN A 1 28 ? -12.431 -5.571  -2.224  1.00 21.26  ? 25  ASN A CG  1 
ATOM   218 O  OD1 . ASN A 1 28 ? -12.625 -4.912  -3.254  1.00 21.54  ? 25  ASN A OD1 1 
ATOM   219 N  ND2 . ASN A 1 28 ? -12.545 -6.901  -2.188  1.00 18.57  ? 25  ASN A ND2 1 
ATOM   220 N  N   . ILE A 1 29 ? -9.670  -3.430  -2.973  1.00 20.92  ? 26  ILE A N   1 
ATOM   221 C  CA  . ILE A 1 29 ? -9.441  -2.437  -4.019  1.00 22.41  ? 26  ILE A CA  1 
ATOM   222 C  C   . ILE A 1 29 ? -9.899  -2.998  -5.350  1.00 22.71  ? 26  ILE A C   1 
ATOM   223 O  O   . ILE A 1 29 ? -9.390  -3.999  -5.820  1.00 23.27  ? 26  ILE A O   1 
ATOM   224 C  CB  . ILE A 1 29 ? -7.962  -2.068  -4.138  1.00 20.84  ? 26  ILE A CB  1 
ATOM   225 C  CG1 . ILE A 1 29 ? -7.509  -1.328  -2.869  1.00 21.33  ? 26  ILE A CG1 1 
ATOM   226 C  CG2 . ILE A 1 29 ? -7.744  -1.232  -5.385  1.00 18.43  ? 26  ILE A CG2 1 
ATOM   227 C  CD1 . ILE A 1 29 ? -6.082  -0.783  -2.927  1.00 16.75  ? 26  ILE A CD1 1 
ATOM   228 N  N   . ASN A 1 30 ? -10.870 -2.335  -5.955  1.00 30.83  ? 27  ASN A N   1 
ATOM   229 C  CA  . ASN A 1 30 ? -11.434 -2.774  -7.216  1.00 32.17  ? 27  ASN A CA  1 
ATOM   230 C  C   . ASN A 1 30 ? -11.695 -4.279  -7.287  1.00 30.38  ? 27  ASN A C   1 
ATOM   231 O  O   . ASN A 1 30 ? -11.350 -4.937  -8.259  1.00 27.56  ? 27  ASN A O   1 
ATOM   232 C  CB  . ASN A 1 30 ? -10.553 -2.349  -8.379  1.00 39.14  ? 27  ASN A CB  1 
ATOM   233 C  CG  . ASN A 1 30 ? -11.302 -2.368  -9.677  1.00 38.43  ? 27  ASN A CG  1 
ATOM   234 O  OD1 . ASN A 1 30 ? -12.448 -1.925  -9.735  1.00 38.44  ? 27  ASN A OD1 1 
ATOM   235 N  ND2 . ASN A 1 30 ? -10.674 -2.874  -10.728 1.00 38.20  ? 27  ASN A ND2 1 
ATOM   236 N  N   . GLY A 1 31 ? -12.305 -4.825  -6.247  1.00 29.52  ? 28  GLY A N   1 
ATOM   237 C  CA  . GLY A 1 31 ? -12.624 -6.241  -6.258  1.00 28.73  ? 28  GLY A CA  1 
ATOM   238 C  C   . GLY A 1 31 ? -11.565 -7.198  -5.759  1.00 27.39  ? 28  GLY A C   1 
ATOM   239 O  O   . GLY A 1 31 ? -11.841 -8.387  -5.654  1.00 29.59  ? 28  GLY A O   1 
ATOM   240 N  N   . THR A 1 32 ? -10.365 -6.703  -5.458  1.00 27.32  ? 29  THR A N   1 
ATOM   241 C  CA  . THR A 1 32 ? -9.291  -7.560  -4.969  1.00 27.42  ? 29  THR A CA  1 
ATOM   242 C  C   . THR A 1 32 ? -8.888  -7.205  -3.539  1.00 30.27  ? 29  THR A C   1 
ATOM   243 O  O   . THR A 1 32 ? -8.658  -6.038  -3.214  1.00 27.31  ? 29  THR A O   1 
ATOM   244 C  CB  . THR A 1 32 ? -8.020  -7.437  -5.840  1.00 31.71  ? 29  THR A CB  1 
ATOM   245 O  OG1 . THR A 1 32 ? -8.353  -7.536  -7.227  1.00 30.58  ? 29  THR A OG1 1 
ATOM   246 C  CG2 . THR A 1 32 ? -7.049  -8.540  -5.498  1.00 29.12  ? 29  THR A CG2 1 
ATOM   247 N  N   . ASP A 1 33 ? -8.795  -8.221  -2.691  1.00 29.76  ? 30  ASP A N   1 
ATOM   248 C  CA  . ASP A 1 33 ? -8.396  -7.998  -1.315  1.00 32.26  ? 30  ASP A CA  1 
ATOM   249 C  C   . ASP A 1 33 ? -6.882  -7.854  -1.242  1.00 31.23  ? 30  ASP A C   1 
ATOM   250 O  O   . ASP A 1 33 ? -6.158  -8.543  -1.949  1.00 31.75  ? 30  ASP A O   1 
ATOM   251 C  CB  . ASP A 1 33 ? -8.873  -9.148  -0.446  1.00 42.87  ? 30  ASP A CB  1 
ATOM   252 C  CG  . ASP A 1 33 ? -10.384 -9.233  -0.393  1.00 48.21  ? 30  ASP A CG  1 
ATOM   253 O  OD1 . ASP A 1 33 ? -11.036 -8.165  -0.247  1.00 45.62  ? 30  ASP A OD1 1 
ATOM   254 O  OD2 . ASP A 1 33 ? -10.917 -10.362 -0.491  1.00 54.22  ? 30  ASP A OD2 1 
ATOM   255 N  N   . CYS A 1 34 ? -6.407  -6.942  -0.406  1.00 28.17  ? 31  CYS A N   1 
ATOM   256 C  CA  . CYS A 1 34 ? -4.971  -6.711  -0.273  1.00 26.30  ? 31  CYS A CA  1 
ATOM   257 C  C   . CYS A 1 34 ? -4.603  -5.952  1.005   1.00 24.52  ? 31  CYS A C   1 
ATOM   258 O  O   . CYS A 1 34 ? -5.473  -5.457  1.716   1.00 24.60  ? 31  CYS A O   1 
ATOM   259 C  CB  . CYS A 1 34 ? -4.464  -5.935  -1.484  1.00 29.59  ? 31  CYS A CB  1 
ATOM   260 S  SG  . CYS A 1 34 ? -5.311  -4.377  -1.713  1.00 28.82  ? 31  CYS A SG  1 
ATOM   261 N  N   . ILE A 1 35 ? -3.311  -5.855  1.287   1.00 13.83  ? 32  ILE A N   1 
ATOM   262 C  CA  . ILE A 1 35 ? -2.870  -5.185  2.500   1.00 14.18  ? 32  ILE A CA  1 
ATOM   263 C  C   . ILE A 1 35 ? -2.381  -3.767  2.258   1.00 15.64  ? 32  ILE A C   1 
ATOM   264 O  O   . ILE A 1 35 ? -1.611  -3.469  1.334   1.00 13.55  ? 32  ILE A O   1 
ATOM   265 C  CB  . ILE A 1 35 ? -1.769  -6.019  3.255   1.00 11.31  ? 32  ILE A CB  1 
ATOM   266 C  CG1 . ILE A 1 35 ? -2.419  -7.106  4.113   1.00 6.54   ? 32  ILE A CG1 1 
ATOM   267 C  CG2 . ILE A 1 35 ? -0.991  -5.128  4.229   1.00 4.96   ? 32  ILE A CG2 1 
ATOM   268 C  CD1 . ILE A 1 35 ? -3.364  -7.995  3.406   1.00 9.87   ? 32  ILE A CD1 1 
ATOM   269 N  N   . VAL A 1 36 ? -2.818  -2.879  3.126   1.00 14.06  ? 33  VAL A N   1 
ATOM   270 C  CA  . VAL A 1 36 ? -2.448  -1.500  2.956   1.00 13.67  ? 33  VAL A CA  1 
ATOM   271 C  C   . VAL A 1 36 ? -2.017  -0.957  4.317   1.00 14.55  ? 33  VAL A C   1 
ATOM   272 O  O   . VAL A 1 36 ? -2.394  -1.496  5.351   1.00 15.10  ? 33  VAL A O   1 
ATOM   273 C  CB  . VAL A 1 36 ? -3.684  -0.760  2.359   1.00 25.80  ? 33  VAL A CB  1 
ATOM   274 C  CG1 . VAL A 1 36 ? -4.313  0.165   3.384   1.00 19.06  ? 33  VAL A CG1 1 
ATOM   275 C  CG2 . VAL A 1 36 ? -3.295  -0.064  1.073   1.00 26.22  ? 33  VAL A CG2 1 
ATOM   276 N  N   . VAL A 1 37 ? -1.198  0.078   4.337   1.00 20.98  ? 34  VAL A N   1 
ATOM   277 C  CA  . VAL A 1 37 ? -0.798  0.637   5.621   1.00 21.29  ? 34  VAL A CA  1 
ATOM   278 C  C   . VAL A 1 37 ? -1.058  2.135   5.593   1.00 26.17  ? 34  VAL A C   1 
ATOM   279 O  O   . VAL A 1 37 ? -0.668  2.819   4.641   1.00 23.76  ? 34  VAL A O   1 
ATOM   280 C  CB  . VAL A 1 37 ? 0.698   0.350   5.935   1.00 14.34  ? 34  VAL A CB  1 
ATOM   281 C  CG1 . VAL A 1 37 ? 1.121   1.083   7.194   1.00 8.85   ? 34  VAL A CG1 1 
ATOM   282 C  CG2 . VAL A 1 37 ? 0.910   -1.158  6.124   1.00 15.09  ? 34  VAL A CG2 1 
ATOM   283 N  N   . GLU A 1 38 ? -1.744  2.633   6.622   1.00 21.91  ? 35  GLU A N   1 
ATOM   284 C  CA  . GLU A 1 38 ? -2.054  4.052   6.720   1.00 25.63  ? 35  GLU A CA  1 
ATOM   285 C  C   . GLU A 1 38 ? -0.771  4.870   6.745   1.00 27.55  ? 35  GLU A C   1 
ATOM   286 O  O   . GLU A 1 38 ? 0.208   4.487   7.391   1.00 22.47  ? 35  GLU A O   1 
ATOM   287 C  CB  . GLU A 1 38 ? -2.893  4.324   7.964   1.00 39.94  ? 35  GLU A CB  1 
ATOM   288 C  CG  . GLU A 1 38 ? -4.216  3.584   7.915   1.00 56.54  ? 35  GLU A CG  1 
ATOM   289 C  CD  . GLU A 1 38 ? -5.370  4.359   8.540   1.00 64.38  ? 35  GLU A CD  1 
ATOM   290 O  OE1 . GLU A 1 38 ? -5.623  5.514   8.115   1.00 68.35  ? 35  GLU A OE1 1 
ATOM   291 O  OE2 . GLU A 1 38 ? -6.031  3.807   9.449   1.00 65.68  ? 35  GLU A OE2 1 
ATOM   292 N  N   . SER A 1 39 ? -0.772  5.989   6.027   1.00 36.56  ? 36  SER A N   1 
ATOM   293 C  CA  . SER A 1 39 ? 0.410   6.840   5.955   1.00 42.24  ? 36  SER A CA  1 
ATOM   294 C  C   . SER A 1 39 ? 0.797   7.433   7.289   1.00 47.93  ? 36  SER A C   1 
ATOM   295 O  O   . SER A 1 39 ? 1.910   7.910   7.459   1.00 47.62  ? 36  SER A O   1 
ATOM   296 C  CB  . SER A 1 39 ? 0.200   7.954   4.937   1.00 53.07  ? 36  SER A CB  1 
ATOM   297 O  OG  . SER A 1 39 ? 0.257   7.432   3.618   1.00 55.07  ? 36  SER A OG  1 
ATOM   298 N  N   . ASP A 1 40 ? -0.123  7.403   8.241   1.00 60.12  ? 37  ASP A N   1 
ATOM   299 C  CA  . ASP A 1 40 ? 0.157   7.933   9.566   1.00 64.30  ? 37  ASP A CA  1 
ATOM   300 C  C   . ASP A 1 40 ? 1.395   7.224   10.097  1.00 60.91  ? 37  ASP A C   1 
ATOM   301 O  O   . ASP A 1 40 ? 2.324   7.859   10.570  1.00 59.57  ? 37  ASP A O   1 
ATOM   302 C  CB  . ASP A 1 40 ? -1.025  7.670   10.498  1.00 91.61  ? 37  ASP A CB  1 
ATOM   303 C  CG  . ASP A 1 40 ? -2.363  8.007   9.857   1.00 110.96 ? 37  ASP A CG  1 
ATOM   304 O  OD1 . ASP A 1 40 ? -3.400  7.876   10.543  1.00 119.56 ? 37  ASP A OD1 1 
ATOM   305 O  OD2 . ASP A 1 40 ? -2.386  8.397   8.668   1.00 120.87 ? 37  ASP A OD2 1 
ATOM   306 N  N   . PHE A 1 41 ? 1.400   5.901   9.983   1.00 54.02  ? 38  PHE A N   1 
ATOM   307 C  CA  . PHE A 1 41 ? 2.493   5.058   10.456  1.00 48.64  ? 38  PHE A CA  1 
ATOM   308 C  C   . PHE A 1 41 ? 3.814   5.152   9.698   1.00 47.07  ? 38  PHE A C   1 
ATOM   309 O  O   . PHE A 1 41 ? 4.814   4.593   10.147  1.00 49.78  ? 38  PHE A O   1 
ATOM   310 C  CB  . PHE A 1 41 ? 2.059   3.597   10.419  1.00 53.42  ? 38  PHE A CB  1 
ATOM   311 C  CG  . PHE A 1 41 ? 0.857   3.295   11.255  1.00 54.15  ? 38  PHE A CG  1 
ATOM   312 C  CD1 . PHE A 1 41 ? 0.985   3.063   12.618  1.00 54.15  ? 38  PHE A CD1 1 
ATOM   313 C  CD2 . PHE A 1 41 ? -0.405  3.233   10.679  1.00 54.09  ? 38  PHE A CD2 1 
ATOM   314 C  CE1 . PHE A 1 41 ? -0.129  2.777   13.394  1.00 53.21  ? 38  PHE A CE1 1 
ATOM   315 C  CE2 . PHE A 1 41 ? -1.524  2.947   11.447  1.00 52.10  ? 38  PHE A CE2 1 
ATOM   316 C  CZ  . PHE A 1 41 ? -1.385  2.718   12.804  1.00 53.22  ? 38  PHE A CZ  1 
ATOM   317 N  N   . LEU A 1 42 ? 3.846   5.848   8.569   1.00 44.35  ? 39  LEU A N   1 
ATOM   318 C  CA  . LEU A 1 42 ? 5.071   5.903   7.771   1.00 44.83  ? 39  LEU A CA  1 
ATOM   319 C  C   . LEU A 1 42 ? 5.649   7.297   7.495   1.00 48.32  ? 39  LEU A C   1 
ATOM   320 O  O   . LEU A 1 42 ? 6.867   7.462   7.369   1.00 50.64  ? 39  LEU A O   1 
ATOM   321 C  CB  . LEU A 1 42 ? 4.813   5.192   6.436   1.00 31.82  ? 39  LEU A CB  1 
ATOM   322 C  CG  . LEU A 1 42 ? 3.890   3.958   6.459   1.00 26.36  ? 39  LEU A CG  1 
ATOM   323 C  CD1 . LEU A 1 42 ? 3.300   3.727   5.083   1.00 20.14  ? 39  LEU A CD1 1 
ATOM   324 C  CD2 . LEU A 1 42 ? 4.648   2.733   6.933   1.00 19.42  ? 39  LEU A CD2 1 
ATOM   325 N  N   . ALA A 1 43 ? 4.774   8.292   7.385   1.00 79.03  ? 40  ALA A N   1 
ATOM   326 C  CA  . ALA A 1 43 ? 5.192   9.661   7.111   1.00 80.67  ? 40  ALA A CA  1 
ATOM   327 C  C   . ALA A 1 43 ? 6.127   10.173  8.203   1.00 83.26  ? 40  ALA A C   1 
ATOM   328 O  O   . ALA A 1 43 ? 6.709   11.254  8.083   1.00 85.54  ? 40  ALA A O   1 
ATOM   329 C  CB  . ALA A 1 43 ? 3.965   10.566  6.997   1.00 51.75  ? 40  ALA A CB  1 
ATOM   330 N  N   . GLY A 1 52 ? -9.877  12.906  3.358   1.00 78.39  ? 49  GLY A N   1 
ATOM   331 C  CA  . GLY A 1 52 ? -8.918  12.528  2.330   1.00 76.80  ? 49  GLY A CA  1 
ATOM   332 C  C   . GLY A 1 52 ? -7.838  11.571  2.812   1.00 76.01  ? 49  GLY A C   1 
ATOM   333 O  O   . GLY A 1 52 ? -6.653  11.921  2.831   1.00 75.86  ? 49  GLY A O   1 
ATOM   334 N  N   . LYS A 1 53 ? -8.250  10.361  3.191   1.00 47.34  ? 50  LYS A N   1 
ATOM   335 C  CA  . LYS A 1 53 ? -7.339  9.326   3.692   1.00 42.33  ? 50  LYS A CA  1 
ATOM   336 C  C   . LYS A 1 53 ? -6.182  9.005   2.726   1.00 39.52  ? 50  LYS A C   1 
ATOM   337 O  O   . LYS A 1 53 ? -6.328  9.090   1.504   1.00 34.28  ? 50  LYS A O   1 
ATOM   338 C  CB  . LYS A 1 53 ? -8.137  8.054   3.983   1.00 62.93  ? 50  LYS A CB  1 
ATOM   339 C  CG  . LYS A 1 53 ? -7.352  6.959   4.672   1.00 67.29  ? 50  LYS A CG  1 
ATOM   340 C  CD  . LYS A 1 53 ? -7.288  7.166   6.166   1.00 69.88  ? 50  LYS A CD  1 
ATOM   341 C  CE  . LYS A 1 53 ? -8.665  7.020   6.783   1.00 70.33  ? 50  LYS A CE  1 
ATOM   342 N  NZ  . LYS A 1 53 ? -8.611  7.119   8.266   1.00 71.16  ? 50  LYS A NZ  1 
ATOM   343 N  N   . ASN A 1 54 ? -5.039  8.618   3.286   1.00 34.40  ? 51  ASN A N   1 
ATOM   344 C  CA  . ASN A 1 54 ? -3.855  8.291   2.492   1.00 29.83  ? 51  ASN A CA  1 
ATOM   345 C  C   . ASN A 1 54 ? -3.236  6.953   2.916   1.00 26.87  ? 51  ASN A C   1 
ATOM   346 O  O   . ASN A 1 54 ? -3.031  6.712   4.097   1.00 24.46  ? 51  ASN A O   1 
ATOM   347 C  CB  . ASN A 1 54 ? -2.837  9.416   2.633   1.00 35.23  ? 51  ASN A CB  1 
ATOM   348 C  CG  . ASN A 1 54 ? -2.176  9.748   1.328   1.00 39.37  ? 51  ASN A CG  1 
ATOM   349 O  OD1 . ASN A 1 54 ? -1.240  9.074   0.908   1.00 42.29  ? 51  ASN A OD1 1 
ATOM   350 N  ND2 . ASN A 1 54 ? -2.678  10.775  0.656   1.00 42.80  ? 51  ASN A ND2 1 
ATOM   351 N  N   . VAL A 1 55 ? -2.935  6.078   1.962   1.00 36.91  ? 52  VAL A N   1 
ATOM   352 C  CA  . VAL A 1 55 ? -2.371  4.771   2.307   1.00 35.02  ? 52  VAL A CA  1 
ATOM   353 C  C   . VAL A 1 55 ? -1.437  4.234   1.240   1.00 32.99  ? 52  VAL A C   1 
ATOM   354 O  O   . VAL A 1 55 ? -1.593  4.553   0.064   1.00 34.14  ? 52  VAL A O   1 
ATOM   355 C  CB  . VAL A 1 55 ? -3.469  3.718   2.458   1.00 19.87  ? 52  VAL A CB  1 
ATOM   356 C  CG1 . VAL A 1 55 ? -4.603  4.261   3.306   1.00 12.02  ? 52  VAL A CG1 1 
ATOM   357 C  CG2 . VAL A 1 55 ? -3.973  3.308   1.080   1.00 22.41  ? 52  VAL A CG2 1 
ATOM   358 N  N   . VAL A 1 56 ? -0.468  3.413   1.633   1.00 25.70  ? 53  VAL A N   1 
ATOM   359 C  CA  . VAL A 1 56 ? 0.399   2.826   0.627   1.00 23.18  ? 53  VAL A CA  1 
ATOM   360 C  C   . VAL A 1 56 ? 0.110   1.318   0.562   1.00 21.99  ? 53  VAL A C   1 
ATOM   361 O  O   . VAL A 1 56 ? -0.104  0.665   1.580   1.00 21.91  ? 53  VAL A O   1 
ATOM   362 C  CB  . VAL A 1 56 ? 1.894   3.136   0.880   1.00 19.48  ? 53  VAL A CB  1 
ATOM   363 C  CG1 . VAL A 1 56 ? 2.030   4.145   1.967   1.00 17.75  ? 53  VAL A CG1 1 
ATOM   364 C  CG2 . VAL A 1 56 ? 2.650   1.889   1.158   1.00 19.51  ? 53  VAL A CG2 1 
ATOM   365 N  N   . VAL A 1 57 ? 0.064   0.792   -0.657  1.00 17.81  ? 54  VAL A N   1 
ATOM   366 C  CA  . VAL A 1 57 ? -0.261  -0.602  -0.919  1.00 18.78  ? 54  VAL A CA  1 
ATOM   367 C  C   . VAL A 1 57 ? 0.924   -1.551  -0.861  1.00 19.07  ? 54  VAL A C   1 
ATOM   368 O  O   . VAL A 1 57 ? 1.861   -1.435  -1.646  1.00 24.17  ? 54  VAL A O   1 
ATOM   369 C  CB  . VAL A 1 57 ? -0.931  -0.717  -2.305  1.00 14.69  ? 54  VAL A CB  1 
ATOM   370 C  CG1 . VAL A 1 57 ? -1.391  -2.149  -2.561  1.00 9.95   ? 54  VAL A CG1 1 
ATOM   371 C  CG2 . VAL A 1 57 ? -2.103  0.233   -2.370  1.00 8.04   ? 54  VAL A CG2 1 
ATOM   372 N  N   . PHE A 1 58 ? 0.872   -2.519  0.043   1.00 22.45  ? 55  PHE A N   1 
ATOM   373 C  CA  . PHE A 1 58 ? 1.976   -3.462  0.170   1.00 21.41  ? 55  PHE A CA  1 
ATOM   374 C  C   . PHE A 1 58 ? 1.855   -4.757  -0.625  1.00 22.96  ? 55  PHE A C   1 
ATOM   375 O  O   . PHE A 1 58 ? 2.856   -5.283  -1.094  1.00 27.72  ? 55  PHE A O   1 
ATOM   376 C  CB  . PHE A 1 58 ? 2.223   -3.777  1.639   1.00 15.78  ? 55  PHE A CB  1 
ATOM   377 C  CG  . PHE A 1 58 ? 3.004   -2.709  2.359   1.00 16.52  ? 55  PHE A CG  1 
ATOM   378 C  CD1 . PHE A 1 58 ? 4.264   -2.976  2.861   1.00 13.39  ? 55  PHE A CD1 1 
ATOM   379 C  CD2 . PHE A 1 58 ? 2.479   -1.427  2.522   1.00 18.28  ? 55  PHE A CD2 1 
ATOM   380 C  CE1 . PHE A 1 58 ? 4.996   -1.981  3.516   1.00 18.67  ? 55  PHE A CE1 1 
ATOM   381 C  CE2 . PHE A 1 58 ? 3.200   -0.431  3.178   1.00 19.26  ? 55  PHE A CE2 1 
ATOM   382 C  CZ  . PHE A 1 58 ? 4.458   -0.703  3.674   1.00 19.17  ? 55  PHE A CZ  1 
ATOM   383 N  N   . SER A 1 59 ? 0.645   -5.267  -0.798  1.00 19.36  ? 56  SER A N   1 
ATOM   384 C  CA  . SER A 1 59 ? 0.455   -6.504  -1.546  1.00 20.83  ? 56  SER A CA  1 
ATOM   385 C  C   . SER A 1 59 ? 0.936   -6.312  -2.983  1.00 22.29  ? 56  SER A C   1 
ATOM   386 O  O   . SER A 1 59 ? 0.803   -5.219  -3.546  1.00 23.43  ? 56  SER A O   1 
ATOM   387 C  CB  . SER A 1 59 ? -1.022  -6.885  -1.533  1.00 23.96  ? 56  SER A CB  1 
ATOM   388 O  OG  . SER A 1 59 ? -1.485  -7.003  -0.202  1.00 29.22  ? 56  SER A OG  1 
ATOM   389 N  N   . GLY A 1 60 ? 1.496   -7.363  -3.582  1.00 17.28  ? 57  GLY A N   1 
ATOM   390 C  CA  . GLY A 1 60 ? 1.979   -7.243  -4.951  1.00 18.46  ? 57  GLY A CA  1 
ATOM   391 C  C   . GLY A 1 60 ? 0.995   -7.790  -5.962  1.00 21.21  ? 57  GLY A C   1 
ATOM   392 O  O   . GLY A 1 60 ? 1.311   -7.892  -7.140  1.00 15.62  ? 57  GLY A O   1 
ATOM   393 N  N   . ASN A 1 61 ? -0.210  -8.131  -5.513  1.00 22.61  ? 58  ASN A N   1 
ATOM   394 C  CA  . ASN A 1 61 ? -1.189  -8.716  -6.411  1.00 23.65  ? 58  ASN A CA  1 
ATOM   395 C  C   . ASN A 1 61 ? -2.259  -7.764  -6.927  1.00 22.01  ? 58  ASN A C   1 
ATOM   396 O  O   . ASN A 1 61 ? -3.233  -8.206  -7.525  1.00 14.86  ? 58  ASN A O   1 
ATOM   397 C  CB  . ASN A 1 61 ? -1.840  -9.942  -5.753  1.00 25.14  ? 58  ASN A CB  1 
ATOM   398 C  CG  . ASN A 1 61 ? -2.724  -9.581  -4.572  1.00 39.27  ? 58  ASN A CG  1 
ATOM   399 O  OD1 . ASN A 1 61 ? -2.335  -8.788  -3.723  1.00 49.68  ? 58  ASN A OD1 1 
ATOM   400 N  ND2 . ASN A 1 61 ? -3.904  -10.187 -4.502  1.00 45.22  ? 58  ASN A ND2 1 
ATOM   401 N  N   . VAL A 1 62 ? -2.064  -6.464  -6.711  1.00 22.50  ? 59  VAL A N   1 
ATOM   402 C  CA  . VAL A 1 62 ? -3.005  -5.447  -7.187  1.00 22.72  ? 59  VAL A CA  1 
ATOM   403 C  C   . VAL A 1 62 ? -2.275  -4.302  -7.864  1.00 23.87  ? 59  VAL A C   1 
ATOM   404 O  O   . VAL A 1 62 ? -1.097  -4.047  -7.592  1.00 24.81  ? 59  VAL A O   1 
ATOM   405 C  CB  . VAL A 1 62 ? -3.862  -4.816  -6.039  1.00 20.92  ? 59  VAL A CB  1 
ATOM   406 C  CG1 . VAL A 1 62 ? -4.761  -5.857  -5.417  1.00 24.65  ? 59  VAL A CG1 1 
ATOM   407 C  CG2 . VAL A 1 62 ? -2.963  -4.221  -4.986  1.00 15.54  ? 59  VAL A CG2 1 
ATOM   408 N  N   . ILE A 1 63 ? -2.987  -3.623  -8.756  1.00 34.67  ? 60  ILE A N   1 
ATOM   409 C  CA  . ILE A 1 63 ? -2.470  -2.443  -9.462  1.00 39.34  ? 60  ILE A CA  1 
ATOM   410 C  C   . ILE A 1 63 ? -3.577  -1.402  -9.339  1.00 39.44  ? 60  ILE A C   1 
ATOM   411 O  O   . ILE A 1 63 ? -4.449  -1.306  -10.207 1.00 38.89  ? 60  ILE A O   1 
ATOM   412 C  CB  . ILE A 1 63 ? -2.223  -2.694  -10.967 1.00 53.68  ? 60  ILE A CB  1 
ATOM   413 C  CG1 . ILE A 1 63 ? -2.682  -4.096  -11.349 1.00 60.82  ? 60  ILE A CG1 1 
ATOM   414 C  CG2 . ILE A 1 63 ? -0.758  -2.504  -11.285 1.00 58.06  ? 60  ILE A CG2 1 
ATOM   415 C  CD1 . ILE A 1 63 ? -2.498  -4.415  -12.813 1.00 66.07  ? 60  ILE A CD1 1 
ATOM   416 N  N   . PRO A 1 64 ? -3.564  -0.613  -8.254  1.00 19.27  ? 61  PRO A N   1 
ATOM   417 C  CA  . PRO A 1 64 ? -4.597  0.406   -8.055  1.00 17.14  ? 61  PRO A CA  1 
ATOM   418 C  C   . PRO A 1 64 ? -4.656  1.474   -9.144  1.00 18.54  ? 61  PRO A C   1 
ATOM   419 O  O   . PRO A 1 64 ? -3.648  1.799   -9.762  1.00 13.51  ? 61  PRO A O   1 
ATOM   420 C  CB  . PRO A 1 64 ? -4.252  0.971   -6.682  1.00 20.89  ? 61  PRO A CB  1 
ATOM   421 C  CG  . PRO A 1 64 ? -2.772  0.815   -6.613  1.00 21.96  ? 61  PRO A CG  1 
ATOM   422 C  CD  . PRO A 1 64 ? -2.563  -0.565  -7.173  1.00 19.10  ? 61  PRO A CD  1 
ATOM   423 N  N   . ARG A 1 65 ? -5.852  2.015   -9.373  1.00 35.11  ? 62  ARG A N   1 
ATOM   424 C  CA  . ARG A 1 65 ? -6.053  3.053   -10.385 1.00 41.30  ? 62  ARG A CA  1 
ATOM   425 C  C   . ARG A 1 65 ? -6.954  4.182   -9.944  1.00 44.15  ? 62  ARG A C   1 
ATOM   426 O  O   . ARG A 1 65 ? -7.798  4.001   -9.066  1.00 42.11  ? 62  ARG A O   1 
ATOM   427 C  CB  . ARG A 1 65 ? -6.647  2.446   -11.643 1.00 46.18  ? 62  ARG A CB  1 
ATOM   428 C  CG  . ARG A 1 65 ? -5.594  1.958   -12.586 1.00 58.66  ? 62  ARG A CG  1 
ATOM   429 C  CD  . ARG A 1 65 ? -5.964  0.646   -13.182 1.00 68.73  ? 62  ARG A CD  1 
ATOM   430 N  NE  . ARG A 1 65 ? -4.855  0.126   -13.971 1.00 74.64  ? 62  ARG A NE  1 
ATOM   431 C  CZ  . ARG A 1 65 ? -4.616  -1.168  -14.164 1.00 77.61  ? 62  ARG A CZ  1 
ATOM   432 N  NH1 . ARG A 1 65 ? -5.412  -2.083  -13.618 1.00 78.08  ? 62  ARG A NH1 1 
ATOM   433 N  NH2 . ARG A 1 65 ? -3.579  -1.548  -14.905 1.00 75.79  ? 62  ARG A NH2 1 
ATOM   434 N  N   . ARG A 1 66 ? -6.763  5.357   -10.537 1.00 31.91  ? 63  ARG A N   1 
ATOM   435 C  CA  . ARG A 1 66 ? -7.627  6.480   -10.213 1.00 30.31  ? 63  ARG A CA  1 
ATOM   436 C  C   . ARG A 1 66 ? -9.012  6.012   -10.667 1.00 28.42  ? 63  ARG A C   1 
ATOM   437 O  O   . ARG A 1 66 ? -9.156  5.491   -11.770 1.00 24.29  ? 63  ARG A O   1 
ATOM   438 C  CB  . ARG A 1 66 ? -7.183  7.725   -10.980 1.00 48.84  ? 63  ARG A CB  1 
ATOM   439 C  CG  . ARG A 1 66 ? -5.927  8.373   -10.430 1.00 62.60  ? 63  ARG A CG  1 
ATOM   440 C  CD  . ARG A 1 66 ? -4.929  8.661   -11.527 1.00 69.01  ? 63  ARG A CD  1 
ATOM   441 N  NE  . ARG A 1 66 ? -5.438  9.612   -12.507 1.00 72.99  ? 63  ARG A NE  1 
ATOM   442 C  CZ  . ARG A 1 66 ? -5.161  9.558   -13.806 1.00 76.28  ? 63  ARG A CZ  1 
ATOM   443 N  NH1 . ARG A 1 66 ? -4.381  8.592   -14.281 1.00 76.10  ? 63  ARG A NH1 1 
ATOM   444 N  NH2 . ARG A 1 66 ? -5.652  10.475  -14.630 1.00 77.27  ? 63  ARG A NH2 1 
ATOM   445 N  N   . GLY A 1 67 ? -10.016 6.156   -9.809  1.00 44.79  ? 64  GLY A N   1 
ATOM   446 C  CA  . GLY A 1 67 ? -11.349 5.707   -10.173 1.00 48.05  ? 64  GLY A CA  1 
ATOM   447 C  C   . GLY A 1 67 ? -11.803 4.568   -9.277  1.00 52.29  ? 64  GLY A C   1 
ATOM   448 O  O   . GLY A 1 67 ? -12.930 4.594   -8.758  1.00 54.99  ? 64  GLY A O   1 
ATOM   449 N  N   . ASP A 1 68 ? -10.917 3.576   -9.098  1.00 27.28  ? 65  ASP A N   1 
ATOM   450 C  CA  . ASP A 1 68 ? -11.154 2.398   -8.247  1.00 27.28  ? 65  ASP A CA  1 
ATOM   451 C  C   . ASP A 1 68 ? -11.860 2.716   -6.949  1.00 27.28  ? 65  ASP A C   1 
ATOM   452 O  O   . ASP A 1 68 ? -11.566 3.719   -6.293  1.00 47.09  ? 65  ASP A O   1 
ATOM   453 C  CB  . ASP A 1 68 ? -9.835  1.727   -7.853  1.00 43.28  ? 65  ASP A CB  1 
ATOM   454 C  CG  . ASP A 1 68 ? -9.182  0.983   -8.992  1.00 43.28  ? 65  ASP A CG  1 
ATOM   455 O  OD1 . ASP A 1 68 ? -9.778  0.922   -10.086 1.00 43.28  ? 65  ASP A OD1 1 
ATOM   456 O  OD2 . ASP A 1 68 ? -8.071  0.453   -8.783  1.00 43.28  ? 65  ASP A OD2 1 
ATOM   457 N  N   . ARG A 1 69 ? -12.795 1.848   -6.585  1.00 35.88  ? 66  ARG A N   1 
ATOM   458 C  CA  . ARG A 1 69 ? -13.498 2.011   -5.331  1.00 37.17  ? 66  ARG A CA  1 
ATOM   459 C  C   . ARG A 1 69 ? -12.695 1.159   -4.365  1.00 34.80  ? 66  ARG A C   1 
ATOM   460 O  O   . ARG A 1 69 ? -12.240 0.058   -4.708  1.00 33.94  ? 66  ARG A O   1 
ATOM   461 C  CB  . ARG A 1 69 ? -14.948 1.529   -5.416  1.00 57.29  ? 66  ARG A CB  1 
ATOM   462 C  CG  . ARG A 1 69 ? -15.169 0.109   -5.903  1.00 76.01  ? 66  ARG A CG  1 
ATOM   463 C  CD  . ARG A 1 69 ? -16.671 -0.186  -5.885  1.00 87.84  ? 66  ARG A CD  1 
ATOM   464 N  NE  . ARG A 1 69 ? -17.078 -1.237  -6.821  1.00 93.79  ? 66  ARG A NE  1 
ATOM   465 C  CZ  . ARG A 1 69 ? -18.344 -1.494  -7.153  1.00 96.37  ? 66  ARG A CZ  1 
ATOM   466 N  NH1 . ARG A 1 69 ? -19.334 -0.779  -6.625  1.00 95.93  ? 66  ARG A NH1 1 
ATOM   467 N  NH2 . ARG A 1 69 ? -18.621 -2.464  -8.020  1.00 96.86  ? 66  ARG A NH2 1 
ATOM   468 N  N   . VAL A 1 70 ? -12.501 1.682   -3.163  1.00 32.72  ? 67  VAL A N   1 
ATOM   469 C  CA  . VAL A 1 70 ? -11.727 1.005   -2.148  1.00 24.98  ? 67  VAL A CA  1 
ATOM   470 C  C   . VAL A 1 70 ? -12.554 0.853   -0.897  1.00 22.98  ? 67  VAL A C   1 
ATOM   471 O  O   . VAL A 1 70 ? -12.982 1.852   -0.337  1.00 25.17  ? 67  VAL A O   1 
ATOM   472 C  CB  . VAL A 1 70 ? -10.488 1.833   -1.786  1.00 26.01  ? 67  VAL A CB  1 
ATOM   473 C  CG1 . VAL A 1 70 ? -9.748  1.183   -0.624  1.00 24.21  ? 67  VAL A CG1 1 
ATOM   474 C  CG2 . VAL A 1 70 ? -9.602  1.988   -3.003  1.00 21.92  ? 67  VAL A CG2 1 
ATOM   475 N  N   . VAL A 1 71 ? -12.792 -0.375  -0.445  1.00 25.95  ? 68  VAL A N   1 
ATOM   476 C  CA  . VAL A 1 71 ? -13.546 -0.541  0.790   1.00 22.86  ? 68  VAL A CA  1 
ATOM   477 C  C   . VAL A 1 71 ? -12.551 -0.642  1.927   1.00 25.37  ? 68  VAL A C   1 
ATOM   478 O  O   . VAL A 1 71 ? -11.761 -1.583  1.996   1.00 23.87  ? 68  VAL A O   1 
ATOM   479 C  CB  . VAL A 1 71 ? -14.401 -1.802  0.797   1.00 12.85  ? 68  VAL A CB  1 
ATOM   480 C  CG1 . VAL A 1 71 ? -15.131 -1.900  2.128   1.00 6.85   ? 68  VAL A CG1 1 
ATOM   481 C  CG2 . VAL A 1 71 ? -15.382 -1.774  -0.365  1.00 10.01  ? 68  VAL A CG2 1 
ATOM   482 N  N   . LEU A 1 72 ? -12.589 0.328   2.825   1.00 28.07  ? 69  LEU A N   1 
ATOM   483 C  CA  . LEU A 1 72 ? -11.657 0.352   3.941   1.00 31.31  ? 69  LEU A CA  1 
ATOM   484 C  C   . LEU A 1 72 ? -12.386 0.602   5.244   1.00 31.56  ? 69  LEU A C   1 
ATOM   485 O  O   . LEU A 1 72 ? -13.112 1.578   5.386   1.00 35.49  ? 69  LEU A O   1 
ATOM   486 C  CB  . LEU A 1 72 ? -10.600 1.436   3.689   1.00 29.85  ? 69  LEU A CB  1 
ATOM   487 C  CG  . LEU A 1 72 ? -9.809  2.012   4.858   1.00 29.82  ? 69  LEU A CG  1 
ATOM   488 C  CD1 . LEU A 1 72 ? -9.237  0.898   5.701   1.00 36.67  ? 69  LEU A CD1 1 
ATOM   489 C  CD2 . LEU A 1 72 ? -8.699  2.877   4.316   1.00 31.23  ? 69  LEU A CD2 1 
ATOM   490 N  N   . ARG A 1 73 ? -12.186 -0.296  6.194   1.00 25.42  ? 70  ARG A N   1 
ATOM   491 C  CA  . ARG A 1 73 ? -12.834 -0.195  7.484   1.00 28.12  ? 70  ARG A CA  1 
ATOM   492 C  C   . ARG A 1 73 ? -14.356 -0.037  7.410   1.00 29.18  ? 70  ARG A C   1 
ATOM   493 O  O   . ARG A 1 73 ? -14.972 0.610   8.250   1.00 31.82  ? 70  ARG A O   1 
ATOM   494 C  CB  . ARG A 1 73 ? -12.196 0.930   8.284   1.00 43.97  ? 70  ARG A CB  1 
ATOM   495 C  CG  . ARG A 1 73 ? -11.146 0.393   9.212   1.00 51.30  ? 70  ARG A CG  1 
ATOM   496 C  CD  . ARG A 1 73 ? -10.281 1.467   9.818   1.00 56.72  ? 70  ARG A CD  1 
ATOM   497 N  NE  . ARG A 1 73 ? -9.386  0.870   10.805  1.00 61.61  ? 70  ARG A NE  1 
ATOM   498 C  CZ  . ARG A 1 73 ? -8.366  1.504   11.371  1.00 64.35  ? 70  ARG A CZ  1 
ATOM   499 N  NH1 . ARG A 1 73 ? -8.111  2.764   11.039  1.00 64.65  ? 70  ARG A NH1 1 
ATOM   500 N  NH2 . ARG A 1 73 ? -7.611  0.881   12.270  1.00 64.21  ? 70  ARG A NH2 1 
ATOM   501 N  N   . GLY A 1 74 ? -14.962 -0.649  6.402   1.00 45.66  ? 71  GLY A N   1 
ATOM   502 C  CA  . GLY A 1 74 ? -16.399 -0.589  6.269   1.00 45.93  ? 71  GLY A CA  1 
ATOM   503 C  C   . GLY A 1 74 ? -16.916 0.549   5.426   1.00 46.90  ? 71  GLY A C   1 
ATOM   504 O  O   . GLY A 1 74 ? -18.108 0.607   5.145   1.00 49.73  ? 71  GLY A O   1 
ATOM   505 N  N   . SER A 1 75 ? -16.039 1.454   5.008   1.00 36.00  ? 72  SER A N   1 
ATOM   506 C  CA  . SER A 1 75 ? -16.480 2.591   4.202   1.00 35.12  ? 72  SER A CA  1 
ATOM   507 C  C   . SER A 1 75 ? -15.923 2.529   2.795   1.00 35.55  ? 72  SER A C   1 
ATOM   508 O  O   . SER A 1 75 ? -14.868 1.941   2.560   1.00 35.29  ? 72  SER A O   1 
ATOM   509 C  CB  . SER A 1 75 ? -16.060 3.897   4.868   1.00 27.68  ? 72  SER A CB  1 
ATOM   510 O  OG  . SER A 1 75 ? -16.071 3.757   6.279   1.00 24.42  ? 72  SER A OG  1 
ATOM   511 N  N   . GLU A 1 76 ? -16.635 3.142   1.860   1.00 45.00  ? 73  GLU A N   1 
ATOM   512 C  CA  . GLU A 1 76 ? -16.211 3.138   0.470   1.00 48.48  ? 73  GLU A CA  1 
ATOM   513 C  C   . GLU A 1 76 ? -15.479 4.427   0.125   1.00 45.22  ? 73  GLU A C   1 
ATOM   514 O  O   . GLU A 1 76 ? -15.867 5.503   0.550   1.00 45.78  ? 73  GLU A O   1 
ATOM   515 C  CB  . GLU A 1 76 ? -17.424 2.941   -0.450  1.00 59.82  ? 73  GLU A CB  1 
ATOM   516 C  CG  . GLU A 1 76 ? -17.056 2.482   -1.858  1.00 72.33  ? 73  GLU A CG  1 
ATOM   517 C  CD  . GLU A 1 76 ? -18.200 1.779   -2.579  1.00 76.19  ? 73  GLU A CD  1 
ATOM   518 O  OE1 . GLU A 1 76 ? -19.243 2.427   -2.816  1.00 77.29  ? 73  GLU A OE1 1 
ATOM   519 O  OE2 . GLU A 1 76 ? -18.052 0.577   -2.908  1.00 76.78  ? 73  GLU A OE2 1 
ATOM   520 N  N   . PHE A 1 77 ? -14.402 4.303   -0.635  1.00 27.41  ? 74  PHE A N   1 
ATOM   521 C  CA  . PHE A 1 77 ? -13.608 5.449   -1.030  1.00 21.92  ? 74  PHE A CA  1 
ATOM   522 C  C   . PHE A 1 77 ? -13.324 5.373   -2.512  1.00 22.52  ? 74  PHE A C   1 
ATOM   523 O  O   . PHE A 1 77 ? -13.622 4.383   -3.167  1.00 16.65  ? 74  PHE A O   1 
ATOM   524 C  CB  . PHE A 1 77 ? -12.258 5.475   -0.299  1.00 25.94  ? 74  PHE A CB  1 
ATOM   525 C  CG  . PHE A 1 77 ? -12.357 5.597   1.196   1.00 25.12  ? 74  PHE A CG  1 
ATOM   526 C  CD1 . PHE A 1 77 ? -12.597 4.475   1.992   1.00 21.70  ? 74  PHE A CD1 1 
ATOM   527 C  CD2 . PHE A 1 77 ? -12.140 6.824   1.818   1.00 23.33  ? 74  PHE A CD2 1 
ATOM   528 C  CE1 . PHE A 1 77 ? -12.611 4.570   3.393   1.00 20.38  ? 74  PHE A CE1 1 
ATOM   529 C  CE2 . PHE A 1 77 ? -12.151 6.935   3.224   1.00 25.16  ? 74  PHE A CE2 1 
ATOM   530 C  CZ  . PHE A 1 77 ? -12.385 5.804   4.010   1.00 25.51  ? 74  PHE A CZ  1 
ATOM   531 N  N   . THR A 1 78 ? -12.735 6.434   -3.038  1.00 29.01  ? 75  THR A N   1 
ATOM   532 C  CA  . THR A 1 78 ? -12.372 6.482   -4.437  1.00 28.60  ? 75  THR A CA  1 
ATOM   533 C  C   . THR A 1 78 ? -10.935 6.989   -4.494  1.00 28.92  ? 75  THR A C   1 
ATOM   534 O  O   . THR A 1 78 ? -10.572 7.962   -3.831  1.00 28.75  ? 75  THR A O   1 
ATOM   535 C  CB  . THR A 1 78 ? -13.321 7.414   -5.227  1.00 26.06  ? 75  THR A CB  1 
ATOM   536 O  OG1 . THR A 1 78 ? -14.647 6.872   -5.183  1.00 31.58  ? 75  THR A OG1 1 
ATOM   537 C  CG2 . THR A 1 78 ? -12.894 7.534   -6.683  1.00 31.51  ? 75  THR A CG2 1 
ATOM   538 N  N   . VAL A 1 79 ? -10.110 6.284   -5.250  1.00 27.40  ? 76  VAL A N   1 
ATOM   539 C  CA  . VAL A 1 79 ? -8.724  6.660   -5.403  1.00 27.25  ? 76  VAL A CA  1 
ATOM   540 C  C   . VAL A 1 79 ? -8.694  7.865   -6.328  1.00 29.94  ? 76  VAL A C   1 
ATOM   541 O  O   . VAL A 1 79 ? -8.895  7.735   -7.540  1.00 27.53  ? 76  VAL A O   1 
ATOM   542 C  CB  . VAL A 1 79 ? -7.905  5.512   -6.029  1.00 30.51  ? 76  VAL A CB  1 
ATOM   543 C  CG1 . VAL A 1 79 ? -6.512  6.011   -6.408  1.00 26.45  ? 76  VAL A CG1 1 
ATOM   544 C  CG2 . VAL A 1 79 ? -7.808  4.361   -5.054  1.00 23.30  ? 76  VAL A CG2 1 
ATOM   545 N  N   . THR A 1 80 ? -8.445  9.035   -5.746  1.00 38.36  ? 77  THR A N   1 
ATOM   546 C  CA  . THR A 1 80 ? -8.391  10.272  -6.510  1.00 43.01  ? 77  THR A CA  1 
ATOM   547 C  C   . THR A 1 80 ? -7.018  10.531  -7.123  1.00 44.45  ? 77  THR A C   1 
ATOM   548 O  O   . THR A 1 80 ? -6.929  11.158  -8.170  1.00 44.19  ? 77  THR A O   1 
ATOM   549 C  CB  . THR A 1 80 ? -8.794  11.471  -5.645  1.00 53.72  ? 77  THR A CB  1 
ATOM   550 O  OG1 . THR A 1 80 ? -7.807  11.691  -4.627  1.00 61.31  ? 77  THR A OG1 1 
ATOM   551 C  CG2 . THR A 1 80 ? -10.133 11.201  -4.992  1.00 57.31  ? 77  THR A CG2 1 
ATOM   552 N  N   . ARG A 1 81 ? -5.951  10.064  -6.480  1.00 34.70  ? 78  ARG A N   1 
ATOM   553 C  CA  . ARG A 1 81 ? -4.612  10.242  -7.036  1.00 33.79  ? 78  ARG A CA  1 
ATOM   554 C  C   . ARG A 1 81 ? -3.652  9.161   -6.560  1.00 29.52  ? 78  ARG A C   1 
ATOM   555 O  O   . ARG A 1 81 ? -3.860  8.544   -5.525  1.00 24.91  ? 78  ARG A O   1 
ATOM   556 C  CB  . ARG A 1 81 ? -4.055  11.631  -6.710  1.00 67.60  ? 78  ARG A CB  1 
ATOM   557 C  CG  . ARG A 1 81 ? -3.452  11.783  -5.342  1.00 85.11  ? 78  ARG A CG  1 
ATOM   558 C  CD  . ARG A 1 81 ? -3.015  13.225  -5.090  1.00 95.05  ? 78  ARG A CD  1 
ATOM   559 N  NE  . ARG A 1 81 ? -4.145  14.142  -4.922  1.00 101.59 ? 78  ARG A NE  1 
ATOM   560 C  CZ  . ARG A 1 81 ? -4.830  14.697  -5.920  1.00 102.92 ? 78  ARG A CZ  1 
ATOM   561 N  NH1 . ARG A 1 81 ? -4.507  14.440  -7.183  1.00 103.38 ? 78  ARG A NH1 1 
ATOM   562 N  NH2 . ARG A 1 81 ? -5.848  15.506  -5.654  1.00 101.36 ? 78  ARG A NH2 1 
ATOM   563 N  N   . ILE A 1 82 ? -2.585  8.949   -7.317  1.00 30.53  ? 79  ILE A N   1 
ATOM   564 C  CA  . ILE A 1 82 ? -1.628  7.901   -6.998  1.00 28.05  ? 79  ILE A CA  1 
ATOM   565 C  C   . ILE A 1 82 ? -0.166  8.331   -7.067  1.00 27.23  ? 79  ILE A C   1 
ATOM   566 O  O   . ILE A 1 82 ? 0.340   8.671   -8.129  1.00 29.49  ? 79  ILE A O   1 
ATOM   567 C  CB  . ILE A 1 82 ? -1.852  6.698   -7.961  1.00 23.74  ? 79  ILE A CB  1 
ATOM   568 C  CG1 . ILE A 1 82 ? -3.124  5.938   -7.554  1.00 21.48  ? 79  ILE A CG1 1 
ATOM   569 C  CG2 . ILE A 1 82 ? -0.627  5.810   -8.009  1.00 14.86  ? 79  ILE A CG2 1 
ATOM   570 C  CD1 . ILE A 1 82 ? -3.481  4.774   -8.477  1.00 16.25  ? 79  ILE A CD1 1 
ATOM   571 N  N   . ARG A 1 83 ? 0.522   8.310   -5.938  1.00 23.11  ? 80  ARG A N   1 
ATOM   572 C  CA  . ARG A 1 83 ? 1.936   8.678   -5.925  1.00 26.10  ? 80  ARG A CA  1 
ATOM   573 C  C   . ARG A 1 83 ? 2.814   7.451   -5.705  1.00 28.60  ? 80  ARG A C   1 
ATOM   574 O  O   . ARG A 1 83 ? 2.364   6.314   -5.796  1.00 24.89  ? 80  ARG A O   1 
ATOM   575 C  CB  . ARG A 1 83 ? 2.203   9.693   -4.828  1.00 41.76  ? 80  ARG A CB  1 
ATOM   576 C  CG  . ARG A 1 83 ? 1.590   11.011  -5.129  1.00 52.71  ? 80  ARG A CG  1 
ATOM   577 C  CD  . ARG A 1 83 ? 1.140   11.701  -3.877  1.00 59.97  ? 80  ARG A CD  1 
ATOM   578 N  NE  . ARG A 1 83 ? 0.389   12.900  -4.224  1.00 66.77  ? 80  ARG A NE  1 
ATOM   579 C  CZ  . ARG A 1 83 ? -0.279  13.641  -3.348  1.00 69.07  ? 80  ARG A CZ  1 
ATOM   580 N  NH1 . ARG A 1 83 ? -0.289  13.298  -2.061  1.00 69.55  ? 80  ARG A NH1 1 
ATOM   581 N  NH2 . ARG A 1 83 ? -0.926  14.727  -3.761  1.00 69.02  ? 80  ARG A NH2 1 
ATOM   582 N  N   . ARG A 1 84 ? 4.084   7.682   -5.436  1.00 31.15  ? 81  ARG A N   1 
ATOM   583 C  CA  . ARG A 1 84 ? 4.965   6.575   -5.186  1.00 32.91  ? 81  ARG A CA  1 
ATOM   584 C  C   . ARG A 1 84 ? 5.594   6.761   -3.826  1.00 35.53  ? 81  ARG A C   1 
ATOM   585 O  O   . ARG A 1 84 ? 5.858   7.888   -3.385  1.00 34.15  ? 81  ARG A O   1 
ATOM   586 C  CB  . ARG A 1 84 ? 6.034   6.479   -6.270  1.00 45.15  ? 81  ARG A CB  1 
ATOM   587 C  CG  . ARG A 1 84 ? 5.866   5.257   -7.147  1.00 54.05  ? 81  ARG A CG  1 
ATOM   588 C  CD  . ARG A 1 84 ? 4.524   5.277   -7.854  1.00 60.72  ? 81  ARG A CD  1 
ATOM   589 N  NE  . ARG A 1 84 ? 3.979   3.934   -8.040  1.00 67.35  ? 81  ARG A NE  1 
ATOM   590 C  CZ  . ARG A 1 84 ? 2.882   3.665   -8.741  1.00 68.88  ? 81  ARG A CZ  1 
ATOM   591 N  NH1 . ARG A 1 84 ? 2.214   4.651   -9.328  1.00 70.21  ? 81  ARG A NH1 1 
ATOM   592 N  NH2 . ARG A 1 84 ? 2.444   2.415   -8.841  1.00 68.06  ? 81  ARG A NH2 1 
ATOM   593 N  N   . PHE A 1 85 ? 5.785   5.648   -3.138  1.00 36.16  ? 82  PHE A N   1 
ATOM   594 C  CA  . PHE A 1 85 ? 6.405   5.675   -1.834  1.00 38.97  ? 82  PHE A CA  1 
ATOM   595 C  C   . PHE A 1 85 ? 7.354   4.498   -1.860  1.00 40.09  ? 82  PHE A C   1 
ATOM   596 O  O   . PHE A 1 85 ? 6.949   3.356   -1.638  1.00 38.78  ? 82  PHE A O   1 
ATOM   597 C  CB  . PHE A 1 85 ? 5.370   5.494   -0.734  1.00 47.12  ? 82  PHE A CB  1 
ATOM   598 C  CG  . PHE A 1 85 ? 5.932   5.659   0.637   1.00 52.76  ? 82  PHE A CG  1 
ATOM   599 C  CD1 . PHE A 1 85 ? 6.081   6.921   1.187   1.00 54.65  ? 82  PHE A CD1 1 
ATOM   600 C  CD2 . PHE A 1 85 ? 6.344   4.551   1.370   1.00 55.21  ? 82  PHE A CD2 1 
ATOM   601 C  CE1 . PHE A 1 85 ? 6.634   7.087   2.458   1.00 56.00  ? 82  PHE A CE1 1 
ATOM   602 C  CE2 . PHE A 1 85 ? 6.899   4.699   2.639   1.00 55.36  ? 82  PHE A CE2 1 
ATOM   603 C  CZ  . PHE A 1 85 ? 7.044   5.974   3.186   1.00 56.80  ? 82  PHE A CZ  1 
ATOM   604 N  N   . ASN A 1 86 ? 8.619   4.787   -2.156  1.00 58.02  ? 83  ASN A N   1 
ATOM   605 C  CA  . ASN A 1 86 ? 9.643   3.760   -2.249  1.00 58.90  ? 83  ASN A CA  1 
ATOM   606 C  C   . ASN A 1 86 ? 9.150   2.696   -3.214  1.00 56.79  ? 83  ASN A C   1 
ATOM   607 O  O   . ASN A 1 86 ? 9.249   1.492   -2.948  1.00 56.00  ? 83  ASN A O   1 
ATOM   608 C  CB  . ASN A 1 86 ? 9.914   3.146   -0.879  1.00 71.80  ? 83  ASN A CB  1 
ATOM   609 C  CG  . ASN A 1 86 ? 10.305  4.184   0.147   1.00 78.67  ? 83  ASN A CG  1 
ATOM   610 O  OD1 . ASN A 1 86 ? 9.538   5.097   0.450   1.00 83.35  ? 83  ASN A OD1 1 
ATOM   611 N  ND2 . ASN A 1 86 ? 11.509  4.060   0.680   1.00 83.51  ? 83  ASN A ND2 1 
ATOM   612 N  N   . GLY A 1 87 ? 8.593   3.161   -4.331  1.00 47.07  ? 84  GLY A N   1 
ATOM   613 C  CA  . GLY A 1 87 ? 8.104   2.260   -5.354  1.00 42.19  ? 84  GLY A CA  1 
ATOM   614 C  C   . GLY A 1 87 ? 6.757   1.617   -5.102  1.00 41.33  ? 84  GLY A C   1 
ATOM   615 O  O   . GLY A 1 87 ? 6.347   0.756   -5.872  1.00 40.69  ? 84  GLY A O   1 
ATOM   616 N  N   . LYS A 1 88 ? 6.067   2.001   -4.032  1.00 32.74  ? 85  LYS A N   1 
ATOM   617 C  CA  . LYS A 1 88 ? 4.762   1.427   -3.761  1.00 29.65  ? 85  LYS A CA  1 
ATOM   618 C  C   . LYS A 1 88 ? 3.667   2.437   -3.965  1.00 26.78  ? 85  LYS A C   1 
ATOM   619 O  O   . LYS A 1 88 ? 3.814   3.619   -3.691  1.00 24.61  ? 85  LYS A O   1 
ATOM   620 C  CB  . LYS A 1 88 ? 4.679   0.889   -2.349  1.00 36.04  ? 85  LYS A CB  1 
ATOM   621 C  CG  . LYS A 1 88 ? 5.658   -0.197  -2.094  1.00 40.74  ? 85  LYS A CG  1 
ATOM   622 C  CD  . LYS A 1 88 ? 5.291   -0.940  -0.851  1.00 48.28  ? 85  LYS A CD  1 
ATOM   623 C  CE  . LYS A 1 88 ? 6.520   -1.513  -0.219  1.00 52.88  ? 85  LYS A CE  1 
ATOM   624 N  NZ  . LYS A 1 88 ? 7.414   -0.378  0.152   1.00 53.42  ? 85  LYS A NZ  1 
ATOM   625 N  N   . PRO A 1 89 ? 2.532   1.974   -4.454  1.00 24.71  ? 86  PRO A N   1 
ATOM   626 C  CA  . PRO A 1 89 ? 1.403   2.869   -4.693  1.00 22.56  ? 86  PRO A CA  1 
ATOM   627 C  C   . PRO A 1 89 ? 0.929   3.600   -3.445  1.00 22.36  ? 86  PRO A C   1 
ATOM   628 O  O   . PRO A 1 89 ? 0.552   2.983   -2.465  1.00 22.16  ? 86  PRO A O   1 
ATOM   629 C  CB  . PRO A 1 89 ? 0.316   1.928   -5.213  1.00 27.79  ? 86  PRO A CB  1 
ATOM   630 C  CG  . PRO A 1 89 ? 1.080   0.790   -5.787  1.00 30.54  ? 86  PRO A CG  1 
ATOM   631 C  CD  . PRO A 1 89 ? 2.180   0.589   -4.783  1.00 28.73  ? 86  PRO A CD  1 
ATOM   632 N  N   . GLN A 1 90 ? 0.970   4.918   -3.462  1.00 29.54  ? 87  GLN A N   1 
ATOM   633 C  CA  . GLN A 1 90 ? 0.451   5.648   -2.329  1.00 28.16  ? 87  GLN A CA  1 
ATOM   634 C  C   . GLN A 1 90 ? -0.848  6.241   -2.850  1.00 27.19  ? 87  GLN A C   1 
ATOM   635 O  O   . GLN A 1 90 ? -0.818  7.113   -3.710  1.00 24.53  ? 87  GLN A O   1 
ATOM   636 C  CB  . GLN A 1 90 ? 1.378   6.759   -1.897  1.00 25.04  ? 87  GLN A CB  1 
ATOM   637 C  CG  . GLN A 1 90 ? 0.658   7.668   -0.958  1.00 32.79  ? 87  GLN A CG  1 
ATOM   638 C  CD  . GLN A 1 90 ? 1.552   8.684   -0.354  1.00 34.86  ? 87  GLN A CD  1 
ATOM   639 O  OE1 . GLN A 1 90 ? 2.363   8.371   0.506   1.00 36.69  ? 87  GLN A OE1 1 
ATOM   640 N  NE2 . GLN A 1 90 ? 1.420   9.926   -0.804  1.00 43.31  ? 87  GLN A NE2 1 
ATOM   641 N  N   . LEU A 1 91 ? -1.976  5.763   -2.328  1.00 16.47  ? 88  LEU A N   1 
ATOM   642 C  CA  . LEU A 1 91 ? -3.282  6.213   -2.781  1.00 15.27  ? 88  LEU A CA  1 
ATOM   643 C  C   . LEU A 1 91 ? -3.965  7.295   -1.938  1.00 16.97  ? 88  LEU A C   1 
ATOM   644 O  O   . LEU A 1 91 ? -3.946  7.265   -0.701  1.00 14.81  ? 88  LEU A O   1 
ATOM   645 C  CB  . LEU A 1 91 ? -4.222  5.010   -2.878  1.00 18.26  ? 88  LEU A CB  1 
ATOM   646 C  CG  . LEU A 1 91 ? -3.646  3.699   -3.425  1.00 17.84  ? 88  LEU A CG  1 
ATOM   647 C  CD1 . LEU A 1 91 ? -4.763  2.648   -3.512  1.00 14.70  ? 88  LEU A CD1 1 
ATOM   648 C  CD2 . LEU A 1 91 ? -3.019  3.924   -4.790  1.00 16.61  ? 88  LEU A CD2 1 
ATOM   649 N  N   . THR A 1 92 ? -4.567  8.259   -2.626  1.00 25.17  ? 89  THR A N   1 
ATOM   650 C  CA  . THR A 1 92 ? -5.308  9.312   -1.953  1.00 29.56  ? 89  THR A CA  1 
ATOM   651 C  C   . THR A 1 92 ? -6.751  8.893   -2.160  1.00 29.55  ? 89  THR A C   1 
ATOM   652 O  O   . THR A 1 92 ? -7.214  8.775   -3.298  1.00 28.87  ? 89  THR A O   1 
ATOM   653 C  CB  . THR A 1 92 ? -5.074  10.694  -2.580  1.00 32.61  ? 89  THR A CB  1 
ATOM   654 O  OG1 . THR A 1 92 ? -3.725  11.107  -2.330  1.00 30.28  ? 89  THR A OG1 1 
ATOM   655 C  CG2 . THR A 1 92 ? -6.035  11.713  -1.980  1.00 28.08  ? 89  THR A CG2 1 
ATOM   656 N  N   . LEU A 1 93 ? -7.442  8.657   -1.049  1.00 36.92  ? 90  LEU A N   1 
ATOM   657 C  CA  . LEU A 1 93 ? -8.820  8.190   -1.075  1.00 39.96  ? 90  LEU A CA  1 
ATOM   658 C  C   . LEU A 1 93 ? -9.826  9.205   -0.568  1.00 47.84  ? 90  LEU A C   1 
ATOM   659 O  O   . LEU A 1 93 ? -9.598  9.867   0.450   1.00 42.70  ? 90  LEU A O   1 
ATOM   660 C  CB  . LEU A 1 93 ? -8.944  6.945   -0.207  1.00 24.54  ? 90  LEU A CB  1 
ATOM   661 C  CG  . LEU A 1 93 ? -7.816  5.932   -0.235  1.00 14.37  ? 90  LEU A CG  1 
ATOM   662 C  CD1 . LEU A 1 93 ? -8.043  4.882   0.838   1.00 14.23  ? 90  LEU A CD1 1 
ATOM   663 C  CD2 . LEU A 1 93 ? -7.767  5.295   -1.598  1.00 14.88  ? 90  LEU A CD2 1 
ATOM   664 N  N   . GLU A 1 94 ? -10.954 9.293   -1.268  1.00 53.98  ? 91  GLU A N   1 
ATOM   665 C  CA  . GLU A 1 94 ? -12.035 10.194  -0.884  1.00 59.55  ? 91  GLU A CA  1 
ATOM   666 C  C   . GLU A 1 94 ? -13.312 9.398   -0.600  1.00 58.62  ? 91  GLU A C   1 
ATOM   667 O  O   . GLU A 1 94 ? -13.611 8.426   -1.299  1.00 50.86  ? 91  GLU A O   1 
ATOM   668 C  CB  . GLU A 1 94 ? -12.293 11.222  -1.991  1.00 95.26  ? 91  GLU A CB  1 
ATOM   669 C  CG  . GLU A 1 94 ? -11.118 12.162  -2.240  1.00 122.83 ? 91  GLU A CG  1 
ATOM   670 C  CD  . GLU A 1 94 ? -10.712 12.959  -1.006  1.00 134.26 ? 91  GLU A CD  1 
ATOM   671 O  OE1 . GLU A 1 94 ? -9.656  13.630  -1.052  1.00 139.23 ? 91  GLU A OE1 1 
ATOM   672 O  OE2 . GLU A 1 94 ? -11.444 12.922  0.005   1.00 139.70 ? 91  GLU A OE2 1 
ATOM   673 N  N   . GLU A 1 95 ? -14.046 9.807   0.436   1.00 42.08  ? 92  GLU A N   1 
ATOM   674 C  CA  . GLU A 1 95 ? -15.301 9.159   0.827   1.00 39.54  ? 92  GLU A CA  1 
ATOM   675 C  C   . GLU A 1 95 ? -16.297 9.181   -0.343  1.00 40.50  ? 92  GLU A C   1 
ATOM   676 O  O   . GLU A 1 95 ? -16.151 9.958   -1.286  1.00 36.31  ? 92  GLU A O   1 
ATOM   677 C  CB  . GLU A 1 95 ? -15.920 9.891   2.016   1.00 66.57  ? 92  GLU A CB  1 
ATOM   678 C  CG  . GLU A 1 95 ? -14.918 10.344  3.063   1.00 72.22  ? 92  GLU A CG  1 
ATOM   679 C  CD  . GLU A 1 95 ? -14.949 9.500   4.325   1.00 76.58  ? 92  GLU A CD  1 
ATOM   680 O  OE1 . GLU A 1 95 ? -14.150 9.794   5.242   1.00 78.39  ? 92  GLU A OE1 1 
ATOM   681 O  OE2 . GLU A 1 95 ? -15.765 8.553   4.407   1.00 77.73  ? 92  GLU A OE2 1 
ATOM   682 N  N   . ASN A 1 96 ? -17.309 8.328   -0.278  1.00 55.78  ? 93  ASN A N   1 
ATOM   683 C  CA  . ASN A 1 96 ? -18.308 8.270   -1.330  1.00 63.38  ? 93  ASN A CA  1 
ATOM   684 C  C   . ASN A 1 96 ? -19.632 8.819   -0.816  1.00 66.54  ? 93  ASN A C   1 
ATOM   685 O  O   . ASN A 1 96 ? -20.655 8.104   -0.910  1.00 69.94  ? 93  ASN A O   1 
ATOM   686 C  CB  . ASN A 1 96 ? -18.476 6.825   -1.813  1.00 64.32  ? 93  ASN A CB  1 
ATOM   687 C  CG  . ASN A 1 96 ? -17.458 6.443   -2.881  1.00 71.25  ? 93  ASN A CG  1 
ATOM   688 O  OD1 . ASN A 1 96 ? -16.306 6.874   -2.842  1.00 73.54  ? 93  ASN A OD1 1 
ATOM   689 N  ND2 . ASN A 1 96 ? -17.883 5.622   -3.837  1.00 73.98  ? 93  ASN A ND2 1 
HETATM 690 O  O   . HOH B 2 .  ? -10.203 -2.671  6.493   1.00 35.05  ? 100 HOH A O   1 
HETATM 691 O  O   . HOH B 2 .  ? 30.005  -7.720  -2.350  1.00 42.59  ? 101 HOH A O   1 
HETATM 692 O  O   . HOH B 2 .  ? -2.171  0.965   8.566   1.00 32.61  ? 102 HOH A O   1 
HETATM 693 O  O   . HOH B 2 .  ? -4.324  5.383   -12.341 1.00 39.77  ? 103 HOH A O   1 
HETATM 694 O  O   . HOH B 2 .  ? -1.578  9.882   -3.325  1.00 40.01  ? 104 HOH A O   1 
HETATM 695 O  O   . HOH B 2 .  ? 17.310  -3.376  -2.953  1.00 33.43  ? 105 HOH A O   1 
HETATM 696 O  O   . HOH B 2 .  ? 4.183   -8.707  5.354   1.00 36.68  ? 106 HOH A O   1 
HETATM 697 O  O   . HOH B 2 .  ? -4.961  1.780   10.265  1.00 35.89  ? 107 HOH A O   1 
HETATM 698 O  O   . HOH B 2 .  ? -19.783 -1.115  6.789   1.00 36.09  ? 108 HOH A O   1 
HETATM 699 O  O   . HOH B 2 .  ? -13.160 12.382  1.794   1.00 38.49  ? 109 HOH A O   1 
HETATM 700 O  O   . HOH B 2 .  ? -0.856  -1.656  -17.085 1.00 37.03  ? 110 HOH A O   1 
HETATM 701 O  O   . HOH B 2 .  ? -9.259  -3.180  8.813   1.00 37.90  ? 111 HOH A O   1 
HETATM 702 O  O   . HOH B 2 .  ? -8.905  -10.919 -4.235  1.00 38.15  ? 112 HOH A O   1 
HETATM 703 O  O   . HOH B 2 .  ? -9.703  -10.294 -7.613  1.00 36.48  ? 113 HOH A O   1 
HETATM 704 O  O   . HOH B 2 .  ? 2.749   -4.517  17.223  1.00 51.11  ? 114 HOH A O   1 
HETATM 705 O  O   . HOH B 2 .  ? 0.353   -2.297  -6.235  1.00 37.44  ? 115 HOH A O   1 
HETATM 706 O  O   . HOH B 2 .  ? 2.996   -2.989  -3.899  1.00 52.63  ? 116 HOH A O   1 
HETATM 707 O  O   . HOH B 2 .  ? 29.635  -10.244 -4.688  1.00 72.09  ? 117 HOH A O   1 
HETATM 708 O  O   . HOH B 2 .  ? -7.606  -5.661  8.848   1.00 52.48  ? 118 HOH A O   1 
HETATM 709 O  O   . HOH B 2 .  ? -22.337 -0.564  -6.053  1.00 64.76  ? 119 HOH A O   1 
HETATM 710 O  O   . HOH B 2 .  ? -9.228  0.337   -12.536 1.00 52.24  ? 120 HOH A O   1 
HETATM 711 O  O   . HOH B 2 .  ? -5.284  -5.267  -10.226 1.00 34.30  ? 121 HOH A O   1 
HETATM 712 O  O   . HOH B 2 .  ? -13.450 -2.422  -4.339  1.00 40.19  ? 122 HOH A O   1 
HETATM 713 O  O   . HOH B 2 .  ? 7.535   -0.014  17.573  1.00 57.05  ? 123 HOH A O   1 
HETATM 714 O  O   . HOH B 2 .  ? -8.286  11.299  -10.668 1.00 46.45  ? 124 HOH A O   1 
HETATM 715 O  O   . HOH B 2 .  ? 19.102  -9.456  5.343   1.00 17.77  ? 125 HOH A O   1 
HETATM 716 O  O   . HOH B 2 .  ? -5.294  -9.696  1.843   1.00 17.77  ? 126 HOH A O   1 
HETATM 717 O  O   . HOH B 2 .  ? -7.823  -4.576  -8.648  1.00 17.77  ? 127 HOH A O   1 
# 
